data_3LG6
#
_entry.id   3LG6
#
_cell.length_a   51.740
_cell.length_b   99.640
_cell.length_c   184.360
_cell.angle_alpha   90.000
_cell.angle_beta   90.000
_cell.angle_gamma   90.000
#
_symmetry.space_group_name_H-M   'P 21 21 21'
#
loop_
_entity.id
_entity.type
_entity.pdbx_description
1 polymer 'putative glutathione transferase'
2 non-polymer 'SULFATE ION'
3 water water
#
_entity_poly.entity_id   1
_entity_poly.type   'polypeptide(L)'
_entity_poly.pdbx_seq_one_letter_code
;GPGSMTTPNFELYGYFRSSCSGRLRIAFHLKSIPYTRHPVNLLKGEQHSDTYKSLNPTNTVPLLVVSNINNTVSPSSASF
SIGQSLAALEYLEEALPTNARPLLPPISNPVARAHVRTICNIIACDVQPVTNLKIQKKVKALDGDPTVWSRDLATQGFGA
VEKLLELSAGRFCVGDEITLADVCLVPAVWAAERVGMDLARFPITKRVFEEMLKEEAVQKAHWQKQEDTPEDLRA
;
_entity_poly.pdbx_strand_id   A,B,C,D
#
# COMPACT_ATOMS: atom_id res chain seq x y z
N THR A 7 7.65 -14.81 -19.08
CA THR A 7 6.24 -14.46 -18.72
C THR A 7 6.11 -12.94 -18.52
N PRO A 8 5.18 -12.30 -19.26
CA PRO A 8 4.88 -10.87 -19.11
C PRO A 8 4.25 -10.63 -17.75
N ASN A 9 4.46 -9.45 -17.19
CA ASN A 9 3.76 -9.10 -15.98
C ASN A 9 2.23 -9.12 -16.19
N PHE A 10 1.78 -8.66 -17.36
CA PHE A 10 0.36 -8.55 -17.63
C PHE A 10 0.03 -9.12 -19.01
N GLU A 11 -0.99 -9.97 -19.07
CA GLU A 11 -1.56 -10.43 -20.32
C GLU A 11 -3.07 -10.20 -20.32
N LEU A 12 -3.55 -9.48 -21.32
CA LEU A 12 -4.97 -9.21 -21.49
C LEU A 12 -5.47 -10.10 -22.62
N TYR A 13 -6.39 -10.99 -22.27
CA TYR A 13 -7.18 -11.70 -23.24
C TYR A 13 -8.38 -10.81 -23.41
N GLY A 14 -8.45 -10.13 -24.55
CA GLY A 14 -9.49 -9.10 -24.74
C GLY A 14 -10.14 -9.28 -26.10
N TYR A 15 -11.14 -8.46 -26.39
CA TYR A 15 -11.72 -8.45 -27.72
C TYR A 15 -11.90 -6.98 -28.09
N PHE A 16 -11.64 -6.65 -29.35
CA PHE A 16 -11.52 -5.26 -29.78
C PHE A 16 -12.77 -4.46 -29.47
N ARG A 17 -13.92 -5.11 -29.59
CA ARG A 17 -15.18 -4.42 -29.44
C ARG A 17 -15.86 -4.69 -28.09
N SER A 18 -15.16 -5.33 -27.16
CA SER A 18 -15.68 -5.50 -25.80
C SER A 18 -15.46 -4.20 -25.00
N SER A 19 -16.48 -3.67 -24.36
CA SER A 19 -16.31 -2.43 -23.63
C SER A 19 -15.47 -2.62 -22.38
N CYS A 20 -15.65 -3.75 -21.68
CA CYS A 20 -14.79 -4.08 -20.55
C CYS A 20 -13.33 -4.24 -20.97
N SER A 21 -13.06 -4.81 -22.14
CA SER A 21 -11.68 -4.91 -22.61
C SER A 21 -11.15 -3.50 -22.88
N GLY A 22 -12.02 -2.66 -23.44
CA GLY A 22 -11.70 -1.26 -23.75
C GLY A 22 -11.26 -0.52 -22.50
N ARG A 23 -11.93 -0.77 -21.37
CA ARG A 23 -11.58 -0.08 -20.14
C ARG A 23 -10.12 -0.38 -19.80
N LEU A 24 -9.78 -1.64 -19.86
CA LEU A 24 -8.47 -2.11 -19.55
C LEU A 24 -7.44 -1.58 -20.55
N ARG A 25 -7.69 -1.61 -21.85
CA ARG A 25 -6.76 -1.02 -22.83
C ARG A 25 -6.50 0.46 -22.51
N ILE A 26 -7.56 1.20 -22.21
CA ILE A 26 -7.40 2.59 -21.88
C ILE A 26 -6.53 2.76 -20.63
N ALA A 27 -6.79 1.97 -19.59
CA ALA A 27 -6.05 2.17 -18.35
C ALA A 27 -4.55 1.87 -18.54
N PHE A 28 -4.23 0.78 -19.27
CA PHE A 28 -2.84 0.43 -19.55
C PHE A 28 -2.10 1.48 -20.33
N HIS A 29 -2.71 1.99 -21.41
CA HIS A 29 -2.11 3.10 -22.15
C HIS A 29 -1.97 4.38 -21.31
N LEU A 30 -3.02 4.75 -20.58
CA LEU A 30 -2.96 5.94 -19.71
C LEU A 30 -1.81 5.90 -18.71
N LYS A 31 -1.53 4.70 -18.20
CA LYS A 31 -0.57 4.54 -17.12
C LYS A 31 0.80 4.05 -17.63
N SER A 32 0.91 3.94 -18.95
CA SER A 32 2.08 3.45 -19.69
C SER A 32 2.58 2.11 -19.18
N ILE A 33 1.67 1.18 -18.95
CA ILE A 33 2.05 -0.10 -18.37
C ILE A 33 2.08 -1.08 -19.51
N PRO A 34 3.25 -1.70 -19.76
CA PRO A 34 3.34 -2.67 -20.87
C PRO A 34 2.48 -3.88 -20.61
N TYR A 35 1.84 -4.41 -21.65
CA TYR A 35 1.12 -5.64 -21.49
C TYR A 35 1.14 -6.46 -22.77
N THR A 36 0.82 -7.73 -22.67
CA THR A 36 0.75 -8.58 -23.84
C THR A 36 -0.72 -8.79 -24.15
N ARG A 37 -1.08 -8.61 -25.44
CA ARG A 37 -2.47 -8.67 -25.89
C ARG A 37 -2.71 -10.00 -26.56
N HIS A 38 -3.71 -10.75 -26.11
CA HIS A 38 -4.13 -11.96 -26.81
C HIS A 38 -5.59 -11.77 -27.20
N PRO A 39 -5.86 -11.57 -28.49
CA PRO A 39 -7.25 -11.33 -28.85
C PRO A 39 -8.03 -12.64 -28.84
N VAL A 40 -9.23 -12.61 -28.31
CA VAL A 40 -10.11 -13.76 -28.24
C VAL A 40 -11.41 -13.30 -28.92
N ASN A 41 -11.71 -13.92 -30.05
CA ASN A 41 -12.82 -13.52 -30.88
C ASN A 41 -14.15 -14.02 -30.33
N LEU A 42 -14.85 -13.15 -29.62
CA LEU A 42 -16.11 -13.48 -28.96
C LEU A 42 -17.24 -13.79 -29.92
N LEU A 43 -17.13 -13.29 -31.15
CA LEU A 43 -18.16 -13.55 -32.15
C LEU A 43 -18.05 -14.94 -32.75
N LYS A 44 -16.85 -15.53 -32.70
CA LYS A 44 -16.62 -16.90 -33.18
C LYS A 44 -16.64 -17.90 -32.00
N GLY A 45 -16.85 -17.41 -30.79
CA GLY A 45 -16.89 -18.23 -29.60
C GLY A 45 -15.53 -18.84 -29.23
N GLU A 46 -14.46 -18.12 -29.56
CA GLU A 46 -13.09 -18.60 -29.32
C GLU A 46 -12.73 -18.78 -27.86
N GLN A 47 -13.50 -18.16 -26.98
CA GLN A 47 -13.23 -18.36 -25.56
C GLN A 47 -13.53 -19.81 -25.10
N HIS A 48 -14.18 -20.60 -25.96
CA HIS A 48 -14.47 -22.01 -25.67
C HIS A 48 -13.43 -22.96 -26.27
N SER A 49 -12.45 -22.41 -26.97
CA SER A 49 -11.47 -23.27 -27.61
C SER A 49 -10.58 -23.92 -26.57
N ASP A 50 -9.98 -25.03 -26.96
CA ASP A 50 -9.05 -25.76 -26.10
C ASP A 50 -7.87 -24.91 -25.58
N THR A 51 -7.34 -24.00 -26.39
CA THR A 51 -6.16 -23.26 -25.96
C THR A 51 -6.43 -22.46 -24.69
N TYR A 52 -7.64 -21.91 -24.58
CA TYR A 52 -7.99 -21.11 -23.41
C TYR A 52 -8.61 -21.93 -22.29
N LYS A 53 -8.55 -23.26 -22.43
CA LYS A 53 -9.19 -24.20 -21.50
C LYS A 53 -8.79 -23.94 -20.06
N SER A 54 -7.50 -24.10 -19.78
CA SER A 54 -6.93 -24.02 -18.42
C SER A 54 -6.96 -22.63 -17.77
N LEU A 55 -7.20 -21.58 -18.56
CA LEU A 55 -7.49 -20.24 -18.03
C LEU A 55 -8.95 -20.18 -17.58
N ASN A 56 -9.20 -20.76 -16.40
CA ASN A 56 -10.47 -20.58 -15.70
C ASN A 56 -10.26 -19.34 -14.82
N PRO A 57 -11.33 -18.58 -14.50
CA PRO A 57 -12.81 -18.61 -14.54
C PRO A 57 -13.60 -19.81 -15.14
N THR A 58 -14.48 -19.54 -16.10
CA THR A 58 -14.97 -20.58 -17.00
C THR A 58 -14.28 -20.23 -18.30
N ASN A 59 -14.46 -18.97 -18.68
CA ASN A 59 -14.11 -18.48 -19.97
C ASN A 59 -14.73 -17.10 -20.04
N THR A 60 -14.00 -16.13 -19.55
CA THR A 60 -14.44 -14.78 -19.54
C THR A 60 -13.55 -13.93 -20.41
N VAL A 61 -14.13 -12.94 -21.04
CA VAL A 61 -13.42 -11.96 -21.78
C VAL A 61 -13.96 -10.60 -21.36
N PRO A 62 -13.12 -9.68 -20.98
CA PRO A 62 -11.68 -9.87 -20.90
C PRO A 62 -11.18 -10.68 -19.72
N LEU A 63 -9.99 -11.24 -19.83
CA LEU A 63 -9.33 -11.85 -18.70
C LEU A 63 -7.95 -11.25 -18.60
N LEU A 64 -7.67 -10.68 -17.43
CA LEU A 64 -6.35 -10.18 -17.12
C LEU A 64 -5.56 -11.23 -16.31
N VAL A 65 -4.44 -11.69 -16.85
CA VAL A 65 -3.54 -12.58 -16.14
C VAL A 65 -2.34 -11.80 -15.66
N VAL A 66 -2.09 -11.90 -14.35
CA VAL A 66 -1.06 -11.15 -13.67
C VAL A 66 -0.03 -12.16 -13.26
N SER A 67 1.23 -11.95 -13.67
CA SER A 67 2.29 -12.91 -13.38
C SER A 67 3.48 -12.27 -12.67
N ASN A 68 4.41 -13.13 -12.25
CA ASN A 68 5.63 -12.75 -11.53
C ASN A 68 5.31 -12.03 -10.24
N ILE A 69 4.30 -12.51 -9.54
CA ILE A 69 3.87 -11.86 -8.31
C ILE A 69 3.92 -12.83 -7.15
N ASN A 70 3.86 -12.27 -5.92
CA ASN A 70 3.58 -13.05 -4.72
C ASN A 70 2.05 -13.16 -4.62
N ASN A 71 1.52 -14.37 -4.80
CA ASN A 71 0.09 -14.61 -4.78
C ASN A 71 -0.25 -15.00 -3.35
N THR A 72 -0.79 -14.06 -2.62
CA THR A 72 -1.06 -14.29 -1.22
C THR A 72 -2.36 -15.09 -1.01
N VAL A 73 -3.12 -15.33 -2.07
CA VAL A 73 -4.36 -16.12 -1.99
C VAL A 73 -4.05 -17.61 -2.26
N SER A 74 -3.32 -17.85 -3.35
CA SER A 74 -2.83 -19.17 -3.75
C SER A 74 -1.30 -19.18 -3.84
N PRO A 75 -0.63 -19.38 -2.70
CA PRO A 75 0.84 -19.18 -2.62
C PRO A 75 1.68 -20.14 -3.49
N SER A 76 1.10 -21.25 -3.95
CA SER A 76 1.84 -22.21 -4.78
C SER A 76 1.91 -21.75 -6.25
N SER A 77 1.34 -20.60 -6.52
CA SER A 77 1.31 -20.08 -7.89
C SER A 77 1.97 -18.66 -7.97
N ALA A 78 2.66 -18.36 -9.06
CA ALA A 78 3.22 -17.00 -9.24
C ALA A 78 2.35 -16.11 -10.11
N SER A 79 1.11 -16.55 -10.36
CA SER A 79 0.15 -15.81 -11.15
CA SER A 79 0.13 -15.87 -11.20
C SER A 79 -1.26 -15.86 -10.56
N PHE A 80 -2.07 -14.90 -10.97
CA PHE A 80 -3.50 -15.01 -10.76
C PHE A 80 -4.20 -14.33 -11.92
N SER A 81 -5.49 -14.56 -12.05
CA SER A 81 -6.22 -13.92 -13.07
C SER A 81 -7.46 -13.22 -12.52
N ILE A 82 -7.78 -12.11 -13.15
CA ILE A 82 -8.88 -11.26 -12.73
C ILE A 82 -9.91 -11.20 -13.89
N GLY A 83 -11.13 -11.64 -13.64
CA GLY A 83 -12.18 -11.68 -14.69
C GLY A 83 -13.24 -10.58 -14.58
N GLN A 84 -13.00 -9.64 -13.67
CA GLN A 84 -13.94 -8.56 -13.45
C GLN A 84 -13.16 -7.27 -13.71
N SER A 85 -13.58 -6.45 -14.67
CA SER A 85 -12.71 -5.33 -15.10
C SER A 85 -12.59 -4.28 -13.99
N LEU A 86 -13.63 -4.05 -13.22
CA LEU A 86 -13.52 -3.10 -12.14
C LEU A 86 -12.49 -3.46 -11.08
N ALA A 87 -12.50 -4.71 -10.65
CA ALA A 87 -11.51 -5.22 -9.73
C ALA A 87 -10.13 -5.10 -10.33
N ALA A 88 -10.04 -5.34 -11.64
CA ALA A 88 -8.72 -5.29 -12.33
C ALA A 88 -8.19 -3.84 -12.39
N LEU A 89 -9.06 -2.89 -12.69
CA LEU A 89 -8.71 -1.46 -12.64
C LEU A 89 -8.20 -0.97 -11.28
N GLU A 90 -8.93 -1.30 -10.20
CA GLU A 90 -8.49 -0.96 -8.85
C GLU A 90 -7.18 -1.66 -8.50
N TYR A 91 -6.98 -2.89 -8.99
CA TYR A 91 -5.74 -3.60 -8.75
C TYR A 91 -4.52 -2.87 -9.34
N LEU A 92 -4.65 -2.37 -10.55
CA LEU A 92 -3.60 -1.56 -11.14
C LEU A 92 -3.29 -0.35 -10.26
N GLU A 93 -4.30 0.33 -9.73
CA GLU A 93 -4.03 1.47 -8.82
C GLU A 93 -3.21 1.08 -7.61
N GLU A 94 -3.52 -0.08 -7.02
CA GLU A 94 -2.94 -0.45 -5.72
C GLU A 94 -1.62 -1.21 -5.86
N ALA A 95 -1.47 -1.94 -6.96
CA ALA A 95 -0.29 -2.77 -7.21
C ALA A 95 0.85 -1.94 -7.77
N LEU A 96 0.52 -0.74 -8.26
CA LEU A 96 1.53 0.13 -8.89
C LEU A 96 1.42 1.50 -8.28
N PRO A 97 1.61 1.59 -6.95
CA PRO A 97 1.25 2.82 -6.24
C PRO A 97 2.06 4.05 -6.68
N THR A 98 3.24 3.84 -7.28
CA THR A 98 4.06 4.97 -7.70
C THR A 98 3.95 5.33 -9.19
N ASN A 99 3.04 4.68 -9.89
CA ASN A 99 2.80 4.99 -11.28
C ASN A 99 2.59 6.47 -11.50
N ALA A 100 3.14 6.98 -12.60
CA ALA A 100 3.10 8.40 -12.89
C ALA A 100 1.68 8.95 -13.06
N ARG A 101 0.71 8.10 -13.42
CA ARG A 101 -0.68 8.57 -13.55
C ARG A 101 -1.67 7.86 -12.63
N PRO A 102 -1.87 8.38 -11.43
CA PRO A 102 -2.95 7.74 -10.64
C PRO A 102 -4.32 8.11 -11.26
N LEU A 103 -5.27 7.17 -11.20
CA LEU A 103 -6.55 7.31 -11.86
C LEU A 103 -7.69 7.45 -10.84
N LEU A 104 -7.31 7.54 -9.57
CA LEU A 104 -8.24 7.99 -8.56
C LEU A 104 -7.69 9.22 -7.86
N PRO A 105 -8.60 10.12 -7.44
CA PRO A 105 -8.13 11.24 -6.58
C PRO A 105 -7.41 10.66 -5.35
N PRO A 106 -6.55 11.44 -4.68
CA PRO A 106 -5.82 10.83 -3.55
C PRO A 106 -6.70 10.44 -2.35
N ILE A 107 -6.16 9.54 -1.53
CA ILE A 107 -6.90 8.92 -0.45
C ILE A 107 -7.39 9.94 0.57
N SER A 108 -6.75 11.11 0.60
CA SER A 108 -7.25 12.20 1.45
C SER A 108 -8.47 12.93 0.87
N ASN A 109 -8.97 12.49 -0.28
CA ASN A 109 -10.21 13.03 -0.78
C ASN A 109 -11.19 11.88 -1.03
N PRO A 110 -11.68 11.23 0.05
CA PRO A 110 -12.58 10.10 -0.14
C PRO A 110 -13.92 10.49 -0.82
N VAL A 111 -14.37 11.71 -0.58
CA VAL A 111 -15.61 12.14 -1.26
C VAL A 111 -15.45 12.12 -2.79
N ALA A 112 -14.33 12.58 -3.31
CA ALA A 112 -14.17 12.57 -4.77
C ALA A 112 -13.95 11.16 -5.34
N ARG A 113 -13.26 10.30 -4.61
CA ARG A 113 -13.12 8.86 -4.99
C ARG A 113 -14.50 8.19 -5.01
N ALA A 114 -15.32 8.46 -3.99
CA ALA A 114 -16.73 7.98 -4.00
C ALA A 114 -17.57 8.42 -5.22
N HIS A 115 -17.40 9.68 -5.60
CA HIS A 115 -18.03 10.18 -6.81
C HIS A 115 -17.50 9.49 -8.05
N VAL A 116 -16.18 9.33 -8.18
CA VAL A 116 -15.65 8.59 -9.27
C VAL A 116 -16.21 7.15 -9.32
N ARG A 117 -16.17 6.44 -8.19
CA ARG A 117 -16.69 5.04 -8.15
C ARG A 117 -18.18 4.96 -8.50
N THR A 118 -18.96 5.96 -8.11
CA THR A 118 -20.38 5.94 -8.37
C THR A 118 -20.65 5.97 -9.87
N ILE A 119 -19.95 6.84 -10.60
CA ILE A 119 -20.00 6.88 -12.05
C ILE A 119 -19.62 5.53 -12.71
N CYS A 120 -18.47 4.99 -12.33
CA CYS A 120 -18.06 3.64 -12.76
C CYS A 120 -19.13 2.59 -12.48
N ASN A 121 -19.73 2.64 -11.30
CA ASN A 121 -20.70 1.64 -10.92
C ASN A 121 -21.97 1.76 -11.74
N ILE A 122 -22.37 2.98 -12.08
CA ILE A 122 -23.57 3.10 -12.91
C ILE A 122 -23.33 2.40 -14.25
N ILE A 123 -22.17 2.62 -14.83
CA ILE A 123 -21.85 2.04 -16.13
C ILE A 123 -21.64 0.51 -15.95
N ALA A 124 -20.85 0.15 -14.95
CA ALA A 124 -20.43 -1.21 -14.75
C ALA A 124 -21.49 -2.09 -14.13
N CYS A 125 -22.43 -1.52 -13.38
CA CYS A 125 -23.55 -2.28 -12.80
C CYS A 125 -24.89 -2.07 -13.50
N ASP A 126 -25.20 -0.85 -13.89
CA ASP A 126 -26.54 -0.61 -14.36
C ASP A 126 -26.72 -0.64 -15.89
N VAL A 127 -25.60 -0.61 -16.63
CA VAL A 127 -25.68 -0.56 -18.10
C VAL A 127 -25.00 -1.73 -18.80
N GLN A 128 -23.70 -1.85 -18.63
CA GLN A 128 -22.94 -2.89 -19.34
C GLN A 128 -23.50 -4.33 -19.10
N PRO A 129 -23.80 -4.72 -17.82
CA PRO A 129 -24.35 -6.09 -17.63
C PRO A 129 -25.70 -6.38 -18.28
N VAL A 130 -26.53 -5.38 -18.51
CA VAL A 130 -27.86 -5.67 -19.04
C VAL A 130 -27.91 -5.49 -20.56
N THR A 131 -26.80 -5.02 -21.16
CA THR A 131 -26.73 -4.71 -22.58
C THR A 131 -25.57 -5.42 -23.26
N ASN A 132 -24.94 -6.38 -22.59
CA ASN A 132 -23.78 -7.11 -23.16
C ASN A 132 -24.23 -8.23 -24.10
N LEU A 133 -23.30 -8.99 -24.65
CA LEU A 133 -23.64 -9.93 -25.72
C LEU A 133 -24.49 -11.08 -25.16
N LYS A 134 -24.17 -11.52 -23.94
CA LYS A 134 -24.92 -12.57 -23.28
C LYS A 134 -26.41 -12.22 -23.11
N ILE A 135 -26.68 -11.03 -22.57
CA ILE A 135 -28.05 -10.62 -22.36
C ILE A 135 -28.74 -10.30 -23.69
N GLN A 136 -28.02 -9.68 -24.62
CA GLN A 136 -28.61 -9.53 -25.99
C GLN A 136 -29.05 -10.85 -26.61
N LYS A 137 -28.23 -11.91 -26.47
CA LYS A 137 -28.61 -13.21 -27.01
C LYS A 137 -29.85 -13.72 -26.27
N LYS A 138 -29.90 -13.54 -24.96
CA LYS A 138 -31.09 -13.96 -24.21
C LYS A 138 -32.31 -13.21 -24.66
N VAL A 139 -32.15 -11.92 -24.96
CA VAL A 139 -33.28 -11.13 -25.41
C VAL A 139 -33.70 -11.57 -26.82
N LYS A 140 -32.72 -11.79 -27.68
CA LYS A 140 -33.01 -12.31 -29.03
C LYS A 140 -33.81 -13.66 -29.00
N ALA A 141 -33.47 -14.55 -28.07
CA ALA A 141 -34.17 -15.84 -27.93
C ALA A 141 -35.61 -15.68 -27.45
N LEU A 142 -35.92 -14.57 -26.77
CA LEU A 142 -37.30 -14.27 -26.40
C LEU A 142 -38.09 -13.68 -27.58
N ASP A 143 -37.39 -13.40 -28.70
CA ASP A 143 -37.99 -12.80 -29.90
C ASP A 143 -38.18 -11.28 -29.69
N GLY A 144 -37.40 -10.72 -28.76
CA GLY A 144 -37.30 -9.27 -28.62
C GLY A 144 -36.24 -8.70 -29.54
N ASP A 145 -36.15 -7.37 -29.60
CA ASP A 145 -35.11 -6.70 -30.36
C ASP A 145 -34.02 -6.32 -29.37
N PRO A 146 -32.89 -7.03 -29.40
CA PRO A 146 -31.81 -6.75 -28.43
C PRO A 146 -31.24 -5.34 -28.55
N THR A 147 -31.25 -4.77 -29.75
CA THR A 147 -30.71 -3.43 -29.99
C THR A 147 -31.61 -2.38 -29.27
N VAL A 148 -32.93 -2.51 -29.38
CA VAL A 148 -33.86 -1.61 -28.71
C VAL A 148 -33.80 -1.72 -27.18
N TRP A 149 -33.78 -2.96 -26.71
CA TRP A 149 -33.59 -3.29 -25.31
C TRP A 149 -32.36 -2.53 -24.80
N SER A 150 -31.23 -2.70 -25.48
CA SER A 150 -29.97 -2.14 -24.99
C SER A 150 -29.94 -0.59 -25.08
N ARG A 151 -30.48 -0.07 -26.18
CA ARG A 151 -30.58 1.37 -26.33
C ARG A 151 -31.39 2.01 -25.22
N ASP A 152 -32.52 1.40 -24.86
CA ASP A 152 -33.34 1.95 -23.74
C ASP A 152 -32.58 2.00 -22.44
N LEU A 153 -31.86 0.91 -22.17
CA LEU A 153 -31.16 0.75 -20.90
C LEU A 153 -29.95 1.66 -20.85
N ALA A 154 -29.26 1.80 -21.98
CA ALA A 154 -28.14 2.72 -21.98
C ALA A 154 -28.60 4.19 -21.88
N THR A 155 -29.71 4.52 -22.50
CA THR A 155 -30.26 5.90 -22.43
C THR A 155 -30.57 6.23 -20.97
N GLN A 156 -31.19 5.29 -20.29
CA GLN A 156 -31.52 5.43 -18.90
C GLN A 156 -30.27 5.54 -18.00
N GLY A 157 -29.27 4.71 -18.24
CA GLY A 157 -28.01 4.79 -17.47
C GLY A 157 -27.24 6.07 -17.67
N PHE A 158 -27.20 6.53 -18.92
CA PHE A 158 -26.56 7.80 -19.23
C PHE A 158 -27.22 9.03 -18.60
N GLY A 159 -28.55 8.98 -18.47
CA GLY A 159 -29.25 10.03 -17.72
C GLY A 159 -28.78 10.17 -16.29
N ALA A 160 -28.52 9.03 -15.61
CA ALA A 160 -27.95 9.00 -14.25
C ALA A 160 -26.48 9.42 -14.21
N VAL A 161 -25.70 9.00 -15.22
CA VAL A 161 -24.32 9.46 -15.30
C VAL A 161 -24.29 10.99 -15.46
N GLU A 162 -25.13 11.47 -16.36
CA GLU A 162 -25.15 12.91 -16.72
C GLU A 162 -25.46 13.73 -15.47
N LYS A 163 -26.41 13.26 -14.65
CA LYS A 163 -26.69 13.93 -13.37
C LYS A 163 -25.50 14.03 -12.43
N LEU A 164 -24.68 12.98 -12.39
CA LEU A 164 -23.48 13.03 -11.56
C LEU A 164 -22.44 13.96 -12.14
N LEU A 165 -22.29 13.95 -13.47
CA LEU A 165 -21.32 14.81 -14.15
C LEU A 165 -21.66 16.27 -14.00
N GLU A 166 -22.94 16.60 -13.84
CA GLU A 166 -23.39 17.98 -13.58
C GLU A 166 -22.80 18.50 -12.28
N LEU A 167 -22.55 17.60 -11.34
CA LEU A 167 -21.99 18.04 -10.08
C LEU A 167 -20.46 18.15 -10.15
N SER A 168 -19.79 17.33 -10.97
CA SER A 168 -18.35 17.20 -10.84
C SER A 168 -17.50 17.57 -12.05
N ALA A 169 -18.08 17.56 -13.24
CA ALA A 169 -17.23 17.55 -14.43
C ALA A 169 -16.54 18.88 -14.66
N GLY A 170 -15.27 18.83 -15.03
CA GLY A 170 -14.60 20.01 -15.61
C GLY A 170 -14.25 19.64 -17.03
N ARG A 171 -12.96 19.64 -17.33
CA ARG A 171 -12.41 19.04 -18.54
C ARG A 171 -12.76 17.53 -18.69
N PHE A 172 -12.73 16.84 -17.56
CA PHE A 172 -13.04 15.43 -17.46
C PHE A 172 -14.18 15.15 -16.46
N CYS A 173 -14.49 13.87 -16.25
CA CYS A 173 -15.67 13.50 -15.43
C CYS A 173 -15.69 14.11 -14.04
N VAL A 174 -14.52 14.13 -13.43
CA VAL A 174 -14.41 14.65 -12.10
C VAL A 174 -13.21 15.57 -12.08
N GLY A 175 -13.48 16.86 -12.16
CA GLY A 175 -12.43 17.88 -12.24
C GLY A 175 -11.75 17.90 -13.59
N ASP A 176 -10.47 18.21 -13.56
CA ASP A 176 -9.70 18.44 -14.75
C ASP A 176 -8.66 17.34 -14.92
N GLU A 177 -8.83 16.22 -14.22
CA GLU A 177 -7.86 15.14 -14.36
C GLU A 177 -8.59 13.88 -14.77
N ILE A 178 -7.95 13.07 -15.60
CA ILE A 178 -8.54 11.79 -15.98
C ILE A 178 -8.57 10.86 -14.76
N THR A 179 -9.73 10.23 -14.56
CA THR A 179 -9.96 9.26 -13.50
C THR A 179 -10.55 7.98 -14.12
N LEU A 180 -10.74 6.97 -13.28
CA LEU A 180 -11.39 5.76 -13.69
C LEU A 180 -12.80 6.03 -14.24
N ALA A 181 -13.45 7.11 -13.80
CA ALA A 181 -14.78 7.46 -14.34
C ALA A 181 -14.69 7.69 -15.86
N ASP A 182 -13.64 8.35 -16.32
CA ASP A 182 -13.42 8.56 -17.74
C ASP A 182 -13.10 7.29 -18.50
N VAL A 183 -12.34 6.43 -17.83
CA VAL A 183 -11.93 5.16 -18.39
C VAL A 183 -13.19 4.27 -18.59
N CYS A 184 -14.16 4.33 -17.67
CA CYS A 184 -15.42 3.61 -17.86
C CYS A 184 -16.34 4.28 -18.90
N LEU A 185 -16.37 5.61 -18.92
CA LEU A 185 -17.23 6.37 -19.82
C LEU A 185 -16.96 6.10 -21.30
N VAL A 186 -15.69 6.14 -21.72
CA VAL A 186 -15.35 6.02 -23.15
C VAL A 186 -15.89 4.74 -23.79
N PRO A 187 -15.61 3.54 -23.20
CA PRO A 187 -16.09 2.35 -23.90
C PRO A 187 -17.60 2.22 -23.75
N ALA A 188 -18.18 2.86 -22.75
CA ALA A 188 -19.63 2.84 -22.58
C ALA A 188 -20.29 3.67 -23.67
N VAL A 189 -19.67 4.79 -24.00
CA VAL A 189 -20.18 5.61 -25.09
C VAL A 189 -20.06 4.84 -26.39
N TRP A 190 -18.90 4.21 -26.62
CA TRP A 190 -18.80 3.35 -27.80
C TRP A 190 -19.89 2.28 -27.87
N ALA A 191 -20.15 1.60 -26.76
CA ALA A 191 -21.15 0.54 -26.76
C ALA A 191 -22.58 1.11 -26.95
N ALA A 192 -22.84 2.31 -26.42
CA ALA A 192 -24.15 2.91 -26.46
C ALA A 192 -24.42 3.39 -27.88
N GLU A 193 -23.41 3.97 -28.53
CA GLU A 193 -23.60 4.48 -29.88
C GLU A 193 -23.84 3.34 -30.87
N ARG A 194 -23.22 2.20 -30.59
CA ARG A 194 -23.34 1.02 -31.39
C ARG A 194 -24.82 0.54 -31.42
N VAL A 195 -25.56 0.81 -30.34
CA VAL A 195 -26.97 0.43 -30.33
C VAL A 195 -27.87 1.64 -30.61
N GLY A 196 -27.31 2.73 -31.10
CA GLY A 196 -28.18 3.82 -31.61
C GLY A 196 -28.53 4.87 -30.60
N MET A 197 -27.90 4.87 -29.42
CA MET A 197 -28.14 5.92 -28.44
C MET A 197 -27.63 7.27 -28.93
N ASP A 198 -28.42 8.31 -28.70
CA ASP A 198 -28.04 9.64 -29.16
C ASP A 198 -27.25 10.38 -28.05
N LEU A 199 -25.94 10.44 -28.27
CA LEU A 199 -25.03 11.02 -27.32
C LEU A 199 -25.32 12.52 -27.10
N ALA A 200 -25.85 13.20 -28.11
CA ALA A 200 -26.16 14.63 -27.97
C ALA A 200 -27.22 14.95 -26.88
N ARG A 201 -28.05 13.96 -26.50
CA ARG A 201 -28.98 14.19 -25.37
C ARG A 201 -28.27 14.40 -24.03
N PHE A 202 -26.97 14.05 -23.97
CA PHE A 202 -26.20 14.07 -22.71
C PHE A 202 -24.98 14.98 -22.89
N PRO A 203 -25.20 16.29 -22.85
CA PRO A 203 -24.18 17.24 -23.31
C PRO A 203 -22.86 17.20 -22.56
N ILE A 204 -22.90 16.90 -21.25
CA ILE A 204 -21.64 16.87 -20.49
C ILE A 204 -20.89 15.61 -20.83
N THR A 205 -21.59 14.50 -20.95
CA THR A 205 -21.00 13.24 -21.32
C THR A 205 -20.33 13.36 -22.71
N LYS A 206 -21.03 14.01 -23.64
CA LYS A 206 -20.51 14.20 -24.97
C LYS A 206 -19.23 15.02 -24.97
N ARG A 207 -19.19 16.08 -24.18
CA ARG A 207 -18.02 16.90 -24.12
C ARG A 207 -16.84 16.17 -23.52
N VAL A 208 -17.06 15.37 -22.49
CA VAL A 208 -15.98 14.66 -21.81
C VAL A 208 -15.45 13.54 -22.70
N PHE A 209 -16.37 12.87 -23.37
CA PHE A 209 -16.01 11.87 -24.35
C PHE A 209 -15.10 12.47 -25.45
N GLU A 210 -15.45 13.65 -25.99
CA GLU A 210 -14.63 14.26 -27.03
C GLU A 210 -13.28 14.74 -26.48
N GLU A 211 -13.24 15.14 -25.21
CA GLU A 211 -11.99 15.53 -24.62
C GLU A 211 -11.09 14.29 -24.48
N MET A 212 -11.67 13.17 -24.01
CA MET A 212 -10.92 11.91 -23.93
C MET A 212 -10.41 11.46 -25.29
N LEU A 213 -11.21 11.65 -26.33
CA LEU A 213 -10.76 11.22 -27.65
C LEU A 213 -9.56 12.04 -28.19
N LYS A 214 -9.25 13.17 -27.54
CA LYS A 214 -8.01 13.93 -27.85
C LYS A 214 -6.72 13.23 -27.34
N GLU A 215 -6.87 12.33 -26.38
CA GLU A 215 -5.73 11.61 -25.76
C GLU A 215 -5.15 10.52 -26.64
N GLU A 216 -3.85 10.54 -26.85
CA GLU A 216 -3.24 9.51 -27.67
C GLU A 216 -3.49 8.14 -27.04
N ALA A 217 -3.43 8.04 -25.71
CA ALA A 217 -3.67 6.73 -25.07
C ALA A 217 -5.03 6.16 -25.44
N VAL A 218 -6.04 7.01 -25.52
CA VAL A 218 -7.39 6.55 -25.87
C VAL A 218 -7.41 6.14 -27.33
N GLN A 219 -6.69 6.88 -28.17
CA GLN A 219 -6.55 6.49 -29.59
C GLN A 219 -5.83 5.15 -29.71
N LYS A 220 -4.78 4.92 -28.93
CA LYS A 220 -4.13 3.59 -28.97
C LYS A 220 -5.05 2.49 -28.47
N ALA A 221 -6.02 2.85 -27.62
CA ALA A 221 -6.94 1.85 -27.03
C ALA A 221 -8.19 1.72 -27.87
N HIS A 222 -8.31 2.55 -28.90
CA HIS A 222 -9.54 2.67 -29.66
C HIS A 222 -9.98 1.32 -30.25
N TRP A 223 -11.27 1.01 -30.17
CA TRP A 223 -11.82 -0.24 -30.67
C TRP A 223 -11.56 -0.45 -32.18
N GLN A 224 -11.45 0.65 -32.93
CA GLN A 224 -11.18 0.60 -34.37
C GLN A 224 -9.71 0.47 -34.70
N LYS A 225 -8.86 0.44 -33.67
CA LYS A 225 -7.40 0.51 -33.88
C LYS A 225 -6.63 -0.65 -33.22
N GLN A 226 -7.29 -1.78 -33.05
CA GLN A 226 -6.65 -2.95 -32.46
C GLN A 226 -6.19 -3.93 -33.52
N GLU A 227 -5.23 -4.80 -33.18
CA GLU A 227 -4.76 -5.83 -34.13
C GLU A 227 -5.92 -6.71 -34.63
N ASP A 228 -6.89 -6.99 -33.77
CA ASP A 228 -8.04 -7.81 -34.18
C ASP A 228 -9.29 -7.08 -34.70
N THR A 229 -9.22 -5.74 -34.83
CA THR A 229 -10.28 -5.01 -35.56
C THR A 229 -10.38 -5.52 -37.01
N PRO A 230 -11.55 -6.06 -37.44
CA PRO A 230 -11.71 -6.45 -38.84
C PRO A 230 -11.45 -5.26 -39.78
N GLU A 231 -10.95 -5.57 -40.97
CA GLU A 231 -10.62 -4.58 -41.98
C GLU A 231 -11.77 -3.60 -42.24
N ASP A 232 -12.99 -4.12 -42.41
CA ASP A 232 -14.17 -3.25 -42.63
C ASP A 232 -14.61 -2.37 -41.44
N LEU A 233 -14.04 -2.59 -40.25
CA LEU A 233 -14.32 -1.75 -39.09
C LEU A 233 -13.18 -0.80 -38.70
N ARG A 234 -12.07 -0.89 -39.42
CA ARG A 234 -10.88 -0.13 -39.09
C ARG A 234 -11.02 1.36 -39.38
N ALA A 235 -10.28 2.15 -38.63
CA ALA A 235 -10.24 3.61 -38.81
C ALA A 235 -9.45 4.25 -37.69
N SER B 4 -8.54 16.02 14.92
CA SER B 4 -9.70 15.85 13.98
C SER B 4 -11.02 15.57 14.70
N MET B 5 -12.00 16.41 14.41
CA MET B 5 -13.30 16.40 15.10
C MET B 5 -14.41 16.07 14.11
N THR B 6 -13.98 15.73 12.90
CA THR B 6 -14.86 15.29 11.83
C THR B 6 -15.69 14.06 12.26
N THR B 7 -17.01 14.22 12.18
CA THR B 7 -17.97 13.18 12.52
C THR B 7 -19.02 13.12 11.41
N PRO B 8 -18.80 12.27 10.38
CA PRO B 8 -19.85 12.13 9.35
C PRO B 8 -21.19 11.67 9.96
N ASN B 9 -22.28 12.25 9.50
CA ASN B 9 -23.62 11.78 9.80
C ASN B 9 -24.15 10.95 8.59
N PHE B 10 -24.71 9.78 8.87
CA PHE B 10 -25.18 8.90 7.79
C PHE B 10 -26.68 8.72 7.87
N GLU B 11 -27.35 8.91 6.73
CA GLU B 11 -28.74 8.51 6.59
C GLU B 11 -28.87 7.62 5.39
N LEU B 12 -29.60 6.54 5.60
CA LEU B 12 -29.79 5.53 4.57
C LEU B 12 -31.25 5.50 4.15
N TYR B 13 -31.47 5.79 2.88
CA TYR B 13 -32.79 5.58 2.29
C TYR B 13 -32.79 4.15 1.76
N GLY B 14 -33.52 3.26 2.42
CA GLY B 14 -33.45 1.86 2.07
C GLY B 14 -34.78 1.16 2.00
N TYR B 15 -34.72 -0.13 1.75
CA TYR B 15 -35.91 -0.95 1.61
C TYR B 15 -35.56 -2.31 2.18
N PHE B 16 -36.45 -2.85 3.01
CA PHE B 16 -36.16 -4.08 3.75
C PHE B 16 -35.74 -5.20 2.80
N ARG B 17 -36.37 -5.28 1.64
CA ARG B 17 -36.11 -6.37 0.73
C ARG B 17 -35.06 -6.06 -0.38
N SER B 18 -34.58 -4.82 -0.45
CA SER B 18 -33.58 -4.50 -1.45
C SER B 18 -32.22 -5.19 -1.12
N SER B 19 -31.63 -5.89 -2.08
CA SER B 19 -30.37 -6.59 -1.77
C SER B 19 -29.23 -5.57 -1.62
N CYS B 20 -29.25 -4.52 -2.44
CA CYS B 20 -28.30 -3.43 -2.30
C CYS B 20 -28.41 -2.70 -0.98
N SER B 21 -29.62 -2.49 -0.45
CA SER B 21 -29.80 -1.82 0.84
C SER B 21 -29.26 -2.71 1.93
N GLY B 22 -29.51 -4.02 1.82
CA GLY B 22 -28.95 -5.01 2.75
C GLY B 22 -27.42 -5.06 2.86
N ARG B 23 -26.71 -4.82 1.75
CA ARG B 23 -25.25 -4.65 1.83
C ARG B 23 -24.87 -3.57 2.85
N LEU B 24 -25.47 -2.52 2.85
CA LEU B 24 -25.15 -1.35 3.63
C LEU B 24 -25.63 -1.50 5.04
N ARG B 25 -26.77 -2.14 5.18
CA ARG B 25 -27.21 -2.46 6.54
C ARG B 25 -26.17 -3.37 7.20
N ILE B 26 -25.73 -4.38 6.48
CA ILE B 26 -24.74 -5.31 7.02
C ILE B 26 -23.47 -4.56 7.34
N ALA B 27 -22.98 -3.77 6.38
CA ALA B 27 -21.72 -3.07 6.56
C ALA B 27 -21.78 -2.11 7.76
N PHE B 28 -22.88 -1.38 7.91
CA PHE B 28 -23.02 -0.46 9.06
C PHE B 28 -23.02 -1.19 10.41
N HIS B 29 -23.71 -2.33 10.50
CA HIS B 29 -23.71 -3.06 11.80
C HIS B 29 -22.35 -3.67 12.09
N LEU B 30 -21.72 -4.31 11.10
CA LEU B 30 -20.38 -4.90 11.32
C LEU B 30 -19.37 -3.85 11.81
N LYS B 31 -19.52 -2.61 11.36
CA LYS B 31 -18.54 -1.59 11.69
C LYS B 31 -18.99 -0.69 12.85
N SER B 32 -20.14 -1.03 13.43
CA SER B 32 -20.77 -0.24 14.51
C SER B 32 -20.86 1.23 14.13
N ILE B 33 -21.41 1.53 12.96
CA ILE B 33 -21.55 2.90 12.56
C ILE B 33 -23.02 3.24 12.60
N PRO B 34 -23.40 4.15 13.51
CA PRO B 34 -24.80 4.55 13.65
C PRO B 34 -25.33 5.20 12.39
N TYR B 35 -26.56 4.90 12.02
CA TYR B 35 -27.16 5.60 10.90
C TYR B 35 -28.65 5.89 11.13
N THR B 36 -29.18 6.88 10.42
CA THR B 36 -30.62 7.11 10.45
C THR B 36 -31.23 6.33 9.29
N ARG B 37 -32.21 5.48 9.60
CA ARG B 37 -32.89 4.69 8.59
C ARG B 37 -34.07 5.47 8.07
N HIS B 38 -34.16 5.70 6.77
CA HIS B 38 -35.37 6.24 6.17
C HIS B 38 -35.94 5.19 5.21
N PRO B 39 -36.94 4.43 5.67
CA PRO B 39 -37.49 3.39 4.79
C PRO B 39 -38.22 4.00 3.59
N VAL B 40 -38.04 3.42 2.42
CA VAL B 40 -38.69 3.92 1.20
C VAL B 40 -39.38 2.71 0.59
N ASN B 41 -40.72 2.74 0.56
CA ASN B 41 -41.49 1.62 0.06
C ASN B 41 -41.55 1.60 -1.47
N LEU B 42 -40.92 0.60 -2.06
CA LEU B 42 -40.82 0.48 -3.52
C LEU B 42 -42.12 0.02 -4.24
N LEU B 43 -43.04 -0.60 -3.52
CA LEU B 43 -44.36 -0.91 -4.08
C LEU B 43 -45.38 0.15 -3.63
N ASN B 59 -35.26 8.40 -7.67
CA ASN B 59 -35.79 7.04 -7.78
C ASN B 59 -34.81 5.98 -7.24
N THR B 60 -33.68 6.42 -6.72
CA THR B 60 -32.61 5.52 -6.35
C THR B 60 -32.68 4.96 -4.93
N VAL B 61 -32.81 3.65 -4.81
CA VAL B 61 -32.68 2.95 -3.55
C VAL B 61 -31.72 1.75 -3.64
N PRO B 62 -30.80 1.63 -2.71
CA PRO B 62 -30.67 2.59 -1.63
C PRO B 62 -29.99 3.90 -2.02
N LEU B 63 -30.01 4.85 -1.13
CA LEU B 63 -29.31 6.09 -1.29
C LEU B 63 -28.73 6.42 0.10
N LEU B 64 -27.42 6.61 0.18
CA LEU B 64 -26.77 6.98 1.41
C LEU B 64 -26.44 8.46 1.36
N VAL B 65 -26.93 9.21 2.33
CA VAL B 65 -26.68 10.63 2.39
C VAL B 65 -25.74 10.89 3.55
N VAL B 66 -24.59 11.48 3.23
CA VAL B 66 -23.57 11.74 4.23
C VAL B 66 -23.55 13.23 4.48
N SER B 67 -23.62 13.62 5.74
CA SER B 67 -23.50 15.03 6.08
C SER B 67 -22.41 15.25 7.14
N ASN B 68 -22.20 16.50 7.50
CA ASN B 68 -21.13 16.92 8.43
C ASN B 68 -19.76 16.48 7.95
N ILE B 69 -19.57 16.60 6.63
CA ILE B 69 -18.31 16.33 5.98
C ILE B 69 -17.96 17.52 5.05
N ASN B 70 -16.71 17.62 4.65
CA ASN B 70 -16.33 18.46 3.53
C ASN B 70 -16.75 17.79 2.21
N ASN B 71 -17.77 18.34 1.54
CA ASN B 71 -18.10 17.88 0.19
C ASN B 71 -17.19 18.56 -0.82
N THR B 72 -16.06 17.92 -1.13
CA THR B 72 -15.10 18.50 -2.07
C THR B 72 -15.61 18.54 -3.54
N VAL B 73 -16.65 17.77 -3.84
CA VAL B 73 -17.30 17.85 -5.15
C VAL B 73 -18.24 19.08 -5.25
N SER B 74 -19.12 19.24 -4.27
CA SER B 74 -20.07 20.37 -4.16
C SER B 74 -19.88 21.11 -2.84
N PRO B 75 -18.86 21.97 -2.77
CA PRO B 75 -18.40 22.56 -1.49
C PRO B 75 -19.43 23.37 -0.69
N SER B 76 -20.38 24.01 -1.37
CA SER B 76 -21.44 24.77 -0.71
C SER B 76 -22.56 23.87 -0.16
N SER B 77 -22.46 22.58 -0.41
CA SER B 77 -23.50 21.64 -0.02
C SER B 77 -23.20 21.00 1.34
N ALA B 78 -24.21 20.99 2.19
CA ALA B 78 -24.13 20.33 3.49
C ALA B 78 -23.94 18.78 3.34
N SER B 79 -24.68 18.17 2.44
CA SER B 79 -24.62 16.73 2.29
C SER B 79 -23.98 16.25 1.00
N PHE B 80 -23.55 14.99 1.00
CA PHE B 80 -23.06 14.32 -0.18
C PHE B 80 -23.81 12.98 -0.36
N SER B 81 -24.49 12.81 -1.50
CA SER B 81 -25.24 11.59 -1.84
C SER B 81 -24.40 10.52 -2.56
N ILE B 82 -24.62 9.26 -2.20
CA ILE B 82 -24.03 8.13 -2.91
C ILE B 82 -25.16 7.14 -3.26
N GLY B 83 -25.51 7.07 -4.55
CA GLY B 83 -26.57 6.17 -5.05
C GLY B 83 -26.11 4.83 -5.58
N GLN B 84 -24.87 4.44 -5.30
CA GLN B 84 -24.40 3.09 -5.72
C GLN B 84 -23.79 2.39 -4.51
N SER B 85 -24.31 1.22 -4.18
CA SER B 85 -23.92 0.57 -2.93
C SER B 85 -22.45 0.19 -2.88
N LEU B 86 -21.84 -0.24 -3.98
CA LEU B 86 -20.39 -0.54 -3.93
C LEU B 86 -19.52 0.70 -3.65
N ALA B 87 -19.85 1.83 -4.27
CA ALA B 87 -19.13 3.07 -3.99
C ALA B 87 -19.38 3.47 -2.54
N ALA B 88 -20.60 3.27 -2.03
CA ALA B 88 -20.93 3.63 -0.65
C ALA B 88 -20.10 2.77 0.34
N LEU B 89 -20.00 1.47 0.07
CA LEU B 89 -19.13 0.56 0.83
C LEU B 89 -17.65 0.98 0.88
N GLU B 90 -17.07 1.31 -0.28
CA GLU B 90 -15.68 1.74 -0.30
C GLU B 90 -15.54 3.08 0.39
N TYR B 91 -16.56 3.92 0.30
CA TYR B 91 -16.51 5.20 1.02
C TYR B 91 -16.41 4.93 2.53
N LEU B 92 -17.23 4.02 3.02
CA LEU B 92 -17.10 3.67 4.44
C LEU B 92 -15.70 3.22 4.79
N GLU B 93 -15.04 2.44 3.92
CA GLU B 93 -13.69 1.99 4.25
C GLU B 93 -12.69 3.18 4.27
N GLU B 94 -12.90 4.14 3.37
CA GLU B 94 -11.90 5.17 3.13
C GLU B 94 -12.07 6.39 4.01
N ALA B 95 -13.30 6.68 4.38
CA ALA B 95 -13.61 7.89 5.11
C ALA B 95 -13.48 7.62 6.59
N LEU B 96 -13.43 6.34 6.97
CA LEU B 96 -13.29 5.97 8.36
C LEU B 96 -12.06 5.08 8.69
N PRO B 97 -10.84 5.63 8.51
CA PRO B 97 -9.62 4.83 8.64
C PRO B 97 -9.32 4.35 10.07
N THR B 98 -9.88 5.03 11.07
CA THR B 98 -9.67 4.55 12.43
C THR B 98 -10.74 3.52 12.92
N ASN B 99 -11.64 3.11 12.04
CA ASN B 99 -12.68 2.19 12.45
C ASN B 99 -12.07 0.82 12.78
N ALA B 100 -12.50 0.22 13.89
CA ALA B 100 -11.86 -1.00 14.40
C ALA B 100 -12.10 -2.22 13.54
N ARG B 101 -12.99 -2.11 12.56
CA ARG B 101 -13.21 -3.24 11.69
C ARG B 101 -13.14 -2.92 10.17
N PRO B 102 -11.92 -3.00 9.59
CA PRO B 102 -11.82 -2.83 8.13
C PRO B 102 -12.49 -3.99 7.43
N LEU B 103 -13.16 -3.72 6.32
CA LEU B 103 -13.87 -4.78 5.60
C LEU B 103 -13.12 -5.19 4.33
N LEU B 104 -11.90 -4.69 4.23
CA LEU B 104 -11.00 -5.12 3.17
C LEU B 104 -9.67 -5.57 3.78
N PRO B 105 -8.97 -6.50 3.14
CA PRO B 105 -7.56 -6.73 3.49
C PRO B 105 -6.76 -5.44 3.38
N PRO B 106 -5.62 -5.33 4.10
CA PRO B 106 -5.00 -4.02 4.01
C PRO B 106 -4.43 -3.79 2.62
N ILE B 107 -4.19 -2.51 2.35
CA ILE B 107 -3.70 -2.03 1.07
C ILE B 107 -2.39 -2.70 0.65
N SER B 108 -1.54 -3.02 1.61
CA SER B 108 -0.31 -3.72 1.28
C SER B 108 -0.55 -5.15 0.76
N ASN B 109 -1.81 -5.56 0.63
CA ASN B 109 -2.16 -6.90 0.05
C ASN B 109 -3.14 -6.74 -1.14
N PRO B 110 -2.65 -6.19 -2.26
CA PRO B 110 -3.49 -5.91 -3.42
C PRO B 110 -4.06 -7.17 -4.06
N VAL B 111 -3.34 -8.29 -4.00
CA VAL B 111 -3.87 -9.51 -4.57
C VAL B 111 -5.12 -9.97 -3.84
N ALA B 112 -5.10 -9.91 -2.50
CA ALA B 112 -6.28 -10.35 -1.73
C ALA B 112 -7.45 -9.36 -1.92
N ARG B 113 -7.11 -8.07 -2.02
CA ARG B 113 -8.14 -7.07 -2.29
C ARG B 113 -8.79 -7.28 -3.65
N ALA B 114 -7.99 -7.61 -4.66
CA ALA B 114 -8.54 -7.89 -5.99
C ALA B 114 -9.48 -9.13 -5.96
N HIS B 115 -9.12 -10.12 -5.16
CA HIS B 115 -9.99 -11.29 -5.01
C HIS B 115 -11.32 -10.95 -4.36
N VAL B 116 -11.29 -10.13 -3.32
CA VAL B 116 -12.50 -9.66 -2.68
C VAL B 116 -13.37 -8.87 -3.64
N ARG B 117 -12.74 -7.95 -4.38
CA ARG B 117 -13.53 -7.12 -5.30
C ARG B 117 -14.10 -7.94 -6.45
N THR B 118 -13.38 -8.97 -6.87
CA THR B 118 -13.87 -9.85 -7.96
C THR B 118 -15.18 -10.50 -7.55
N ILE B 119 -15.24 -10.95 -6.30
CA ILE B 119 -16.41 -11.61 -5.83
C ILE B 119 -17.56 -10.62 -5.73
N CYS B 120 -17.29 -9.43 -5.19
CA CYS B 120 -18.29 -8.37 -5.15
C CYS B 120 -18.85 -8.03 -6.52
N ASN B 121 -17.97 -7.92 -7.51
CA ASN B 121 -18.38 -7.60 -8.89
C ASN B 121 -19.16 -8.70 -9.59
N ILE B 122 -18.86 -9.96 -9.33
CA ILE B 122 -19.71 -11.02 -9.91
C ILE B 122 -21.14 -10.80 -9.42
N ILE B 123 -21.30 -10.51 -8.14
CA ILE B 123 -22.61 -10.32 -7.57
C ILE B 123 -23.24 -8.99 -8.01
N ALA B 124 -22.49 -7.90 -7.87
CA ALA B 124 -23.01 -6.55 -8.12
C ALA B 124 -23.15 -6.24 -9.59
N CYS B 125 -22.32 -6.87 -10.44
CA CYS B 125 -22.37 -6.70 -11.90
C CYS B 125 -23.04 -7.85 -12.67
N ASP B 126 -22.76 -9.11 -12.34
CA ASP B 126 -23.29 -10.21 -13.12
C ASP B 126 -24.63 -10.81 -12.62
N VAL B 127 -24.98 -10.58 -11.36
CA VAL B 127 -26.22 -11.15 -10.84
C VAL B 127 -27.30 -10.09 -10.53
N GLN B 128 -27.00 -9.19 -9.62
CA GLN B 128 -28.04 -8.28 -9.12
C GLN B 128 -28.71 -7.47 -10.25
N PRO B 129 -27.93 -6.85 -11.17
CA PRO B 129 -28.56 -5.97 -12.18
C PRO B 129 -29.41 -6.70 -13.21
N VAL B 130 -29.18 -7.98 -13.40
CA VAL B 130 -29.92 -8.73 -14.39
C VAL B 130 -31.09 -9.51 -13.78
N THR B 131 -31.30 -9.38 -12.47
CA THR B 131 -32.30 -10.17 -11.75
C THR B 131 -33.19 -9.32 -10.84
N ASN B 132 -33.09 -7.99 -10.93
CA ASN B 132 -33.87 -7.09 -10.13
C ASN B 132 -35.28 -6.91 -10.68
N LEU B 133 -36.10 -6.11 -9.99
CA LEU B 133 -37.47 -5.86 -10.39
C LEU B 133 -37.56 -5.19 -11.76
N LYS B 134 -36.73 -4.17 -11.96
CA LYS B 134 -36.75 -3.45 -13.23
C LYS B 134 -36.55 -4.40 -14.42
N ILE B 135 -35.53 -5.25 -14.36
CA ILE B 135 -35.23 -6.16 -15.46
C ILE B 135 -36.25 -7.33 -15.54
N GLN B 136 -36.67 -7.87 -14.39
CA GLN B 136 -37.76 -8.87 -14.42
C GLN B 136 -38.96 -8.34 -15.17
N LYS B 137 -39.28 -7.05 -14.98
CA LYS B 137 -40.45 -6.47 -15.64
C LYS B 137 -40.22 -6.34 -17.14
N LYS B 138 -39.00 -5.97 -17.54
CA LYS B 138 -38.64 -5.91 -18.95
C LYS B 138 -38.71 -7.30 -19.58
N VAL B 139 -38.30 -8.32 -18.82
CA VAL B 139 -38.42 -9.69 -19.30
C VAL B 139 -39.87 -10.12 -19.46
N LYS B 140 -40.72 -9.79 -18.48
CA LYS B 140 -42.13 -10.15 -18.68
C LYS B 140 -42.71 -9.39 -19.90
N ALA B 141 -42.19 -8.20 -20.18
CA ALA B 141 -42.70 -7.40 -21.32
C ALA B 141 -42.37 -8.09 -22.63
N LEU B 142 -41.34 -8.92 -22.64
CA LEU B 142 -41.05 -9.72 -23.83
C LEU B 142 -41.68 -11.11 -23.73
N ASP B 143 -42.69 -11.26 -22.87
CA ASP B 143 -43.37 -12.54 -22.68
C ASP B 143 -42.42 -13.66 -22.26
N GLY B 144 -41.34 -13.34 -21.55
CA GLY B 144 -40.52 -14.35 -20.88
C GLY B 144 -41.02 -14.66 -19.46
N ASP B 145 -40.36 -15.59 -18.78
CA ASP B 145 -40.68 -15.96 -17.41
C ASP B 145 -39.58 -15.37 -16.51
N PRO B 146 -39.89 -14.29 -15.78
CA PRO B 146 -38.86 -13.53 -15.06
C PRO B 146 -38.22 -14.34 -13.96
N THR B 147 -38.98 -15.29 -13.38
CA THR B 147 -38.48 -16.15 -12.32
C THR B 147 -37.43 -17.08 -12.85
N VAL B 148 -37.69 -17.69 -14.01
CA VAL B 148 -36.74 -18.61 -14.65
C VAL B 148 -35.50 -17.87 -15.15
N TRP B 149 -35.73 -16.68 -15.70
CA TRP B 149 -34.64 -15.85 -16.17
C TRP B 149 -33.73 -15.55 -15.00
N SER B 150 -34.31 -15.15 -13.87
CA SER B 150 -33.51 -14.75 -12.73
C SER B 150 -32.79 -15.90 -12.07
N ARG B 151 -33.49 -17.03 -11.96
CA ARG B 151 -32.87 -18.21 -11.34
C ARG B 151 -31.68 -18.75 -12.12
N ASP B 152 -31.80 -18.84 -13.45
CA ASP B 152 -30.67 -19.25 -14.30
C ASP B 152 -29.50 -18.28 -14.24
N LEU B 153 -29.78 -16.97 -14.23
CA LEU B 153 -28.68 -16.01 -14.10
C LEU B 153 -28.03 -16.03 -12.71
N ALA B 154 -28.82 -16.15 -11.66
CA ALA B 154 -28.26 -16.25 -10.30
C ALA B 154 -27.38 -17.51 -10.21
N THR B 155 -27.89 -18.61 -10.74
CA THR B 155 -27.22 -19.91 -10.65
C THR B 155 -25.86 -19.82 -11.33
N GLN B 156 -25.82 -19.17 -12.48
CA GLN B 156 -24.59 -19.03 -13.22
C GLN B 156 -23.58 -18.13 -12.50
N GLY B 157 -24.07 -17.01 -11.97
CA GLY B 157 -23.20 -16.15 -11.16
C GLY B 157 -22.66 -16.79 -9.89
N PHE B 158 -23.50 -17.56 -9.20
CA PHE B 158 -23.02 -18.29 -8.01
C PHE B 158 -21.98 -19.37 -8.30
N GLY B 159 -22.06 -19.97 -9.50
CA GLY B 159 -21.03 -20.90 -9.99
C GLY B 159 -19.68 -20.22 -10.10
N ALA B 160 -19.65 -19.00 -10.64
CA ALA B 160 -18.40 -18.24 -10.70
C ALA B 160 -17.95 -17.82 -9.30
N VAL B 161 -18.86 -17.36 -8.45
CA VAL B 161 -18.51 -17.10 -7.06
C VAL B 161 -17.89 -18.36 -6.40
N GLU B 162 -18.49 -19.53 -6.63
CA GLU B 162 -18.02 -20.73 -5.96
C GLU B 162 -16.58 -21.12 -6.37
N LYS B 163 -16.23 -21.01 -7.66
CA LYS B 163 -14.87 -21.25 -8.12
C LYS B 163 -13.84 -20.31 -7.48
N LEU B 164 -14.21 -19.06 -7.23
CA LEU B 164 -13.32 -18.13 -6.54
C LEU B 164 -13.20 -18.44 -5.02
N LEU B 165 -14.31 -18.81 -4.39
CA LEU B 165 -14.26 -19.25 -2.99
C LEU B 165 -13.44 -20.54 -2.79
N GLU B 166 -13.41 -21.45 -3.76
CA GLU B 166 -12.45 -22.58 -3.72
C GLU B 166 -10.96 -22.15 -3.55
N LEU B 167 -10.64 -20.96 -4.05
CA LEU B 167 -9.28 -20.40 -3.93
C LEU B 167 -9.00 -19.71 -2.59
N SER B 168 -10.01 -19.02 -2.04
CA SER B 168 -9.80 -18.05 -0.95
C SER B 168 -10.49 -18.38 0.37
N ALA B 169 -11.62 -19.07 0.33
CA ALA B 169 -12.43 -19.12 1.55
C ALA B 169 -11.69 -19.81 2.68
N GLY B 170 -11.83 -19.23 3.86
CA GLY B 170 -11.47 -19.94 5.10
C GLY B 170 -12.78 -20.12 5.84
N ARG B 171 -12.89 -19.50 7.00
CA ARG B 171 -14.17 -19.33 7.68
C ARG B 171 -15.12 -18.46 6.85
N PHE B 172 -14.60 -17.48 6.13
CA PHE B 172 -15.39 -16.52 5.35
C PHE B 172 -14.92 -16.55 3.91
N CYS B 173 -15.40 -15.62 3.07
CA CYS B 173 -15.10 -15.67 1.63
C CYS B 173 -13.61 -15.63 1.27
N VAL B 174 -12.89 -14.75 1.96
CA VAL B 174 -11.47 -14.54 1.76
C VAL B 174 -10.82 -14.60 3.11
N GLY B 175 -10.31 -15.78 3.44
CA GLY B 175 -9.63 -16.03 4.71
C GLY B 175 -10.59 -16.16 5.86
N ASP B 176 -10.11 -15.82 7.04
CA ASP B 176 -10.87 -16.03 8.26
C ASP B 176 -11.47 -14.72 8.80
N GLU B 177 -11.43 -13.65 8.01
CA GLU B 177 -12.06 -12.42 8.43
C GLU B 177 -13.20 -12.01 7.48
N ILE B 178 -14.20 -11.33 8.01
CA ILE B 178 -15.30 -10.84 7.19
C ILE B 178 -14.80 -9.72 6.29
N THR B 179 -15.10 -9.79 5.00
CA THR B 179 -14.78 -8.75 4.06
C THR B 179 -16.08 -8.28 3.32
N LEU B 180 -15.93 -7.25 2.52
CA LEU B 180 -16.97 -6.82 1.60
C LEU B 180 -17.53 -7.96 0.72
N ALA B 181 -16.71 -8.94 0.37
CA ALA B 181 -17.18 -10.12 -0.34
C ALA B 181 -18.34 -10.81 0.40
N ASP B 182 -18.19 -11.05 1.70
CA ASP B 182 -19.29 -11.65 2.50
C ASP B 182 -20.49 -10.73 2.64
N VAL B 183 -20.23 -9.42 2.70
CA VAL B 183 -21.26 -8.42 2.79
C VAL B 183 -22.15 -8.44 1.54
N CYS B 184 -21.55 -8.64 0.36
CA CYS B 184 -22.30 -8.73 -0.90
C CYS B 184 -23.03 -10.09 -1.01
N LEU B 185 -22.38 -11.12 -0.45
CA LEU B 185 -22.84 -12.49 -0.62
C LEU B 185 -24.17 -12.70 0.08
N VAL B 186 -24.28 -12.21 1.31
CA VAL B 186 -25.47 -12.49 2.10
C VAL B 186 -26.78 -12.00 1.47
N PRO B 187 -26.89 -10.69 1.10
CA PRO B 187 -28.16 -10.27 0.54
C PRO B 187 -28.37 -10.89 -0.82
N ALA B 188 -27.33 -11.31 -1.51
CA ALA B 188 -27.54 -11.96 -2.81
C ALA B 188 -28.09 -13.39 -2.66
N VAL B 189 -27.70 -14.07 -1.58
CA VAL B 189 -28.29 -15.36 -1.27
C VAL B 189 -29.81 -15.19 -0.97
N TRP B 190 -30.16 -14.19 -0.16
CA TRP B 190 -31.59 -13.89 0.12
C TRP B 190 -32.38 -13.66 -1.16
N ALA B 191 -31.81 -12.87 -2.08
CA ALA B 191 -32.46 -12.57 -3.35
C ALA B 191 -32.58 -13.80 -4.29
N ALA B 192 -31.51 -14.59 -4.36
CA ALA B 192 -31.47 -15.84 -5.16
C ALA B 192 -32.45 -16.90 -4.66
N GLU B 193 -32.55 -17.07 -3.36
CA GLU B 193 -33.48 -18.03 -2.80
C GLU B 193 -34.92 -17.63 -3.14
N ARG B 194 -35.20 -16.34 -3.21
CA ARG B 194 -36.54 -15.92 -3.55
C ARG B 194 -36.96 -16.40 -4.96
N VAL B 195 -36.03 -16.51 -5.89
CA VAL B 195 -36.37 -17.08 -7.18
C VAL B 195 -36.17 -18.62 -7.28
N GLY B 196 -36.01 -19.30 -6.15
CA GLY B 196 -35.85 -20.76 -6.12
C GLY B 196 -34.48 -21.33 -6.47
N MET B 197 -33.42 -20.51 -6.42
CA MET B 197 -32.08 -21.06 -6.60
C MET B 197 -31.77 -22.05 -5.48
N ASP B 198 -31.13 -23.17 -5.81
CA ASP B 198 -30.73 -24.13 -4.78
C ASP B 198 -29.33 -23.82 -4.27
N LEU B 199 -29.26 -23.28 -3.06
CA LEU B 199 -27.99 -22.89 -2.49
C LEU B 199 -27.05 -24.09 -2.29
N ALA B 200 -27.61 -25.27 -2.10
CA ALA B 200 -26.83 -26.49 -1.80
C ALA B 200 -25.93 -26.90 -2.95
N ARG B 201 -26.21 -26.40 -4.16
CA ARG B 201 -25.31 -26.56 -5.31
C ARG B 201 -23.95 -25.91 -5.12
N PHE B 202 -23.87 -24.98 -4.18
CA PHE B 202 -22.67 -24.18 -4.00
C PHE B 202 -22.20 -24.30 -2.54
N PRO B 203 -21.50 -25.40 -2.21
CA PRO B 203 -21.31 -25.72 -0.78
C PRO B 203 -20.44 -24.72 0.02
N ILE B 204 -19.47 -24.08 -0.61
CA ILE B 204 -18.60 -23.19 0.14
C ILE B 204 -19.36 -21.91 0.40
N THR B 205 -20.06 -21.46 -0.63
CA THR B 205 -20.98 -20.32 -0.52
C THR B 205 -22.02 -20.54 0.57
N LYS B 206 -22.59 -21.74 0.61
CA LYS B 206 -23.58 -22.05 1.62
C LYS B 206 -23.00 -22.00 3.04
N ARG B 207 -21.86 -22.65 3.24
CA ARG B 207 -21.15 -22.62 4.53
C ARG B 207 -20.83 -21.17 4.97
N VAL B 208 -20.34 -20.35 4.05
CA VAL B 208 -19.98 -18.94 4.36
C VAL B 208 -21.22 -18.10 4.70
N PHE B 209 -22.28 -18.29 3.92
CA PHE B 209 -23.59 -17.73 4.24
C PHE B 209 -24.04 -18.06 5.64
N GLU B 210 -24.00 -19.35 6.00
CA GLU B 210 -24.49 -19.77 7.32
C GLU B 210 -23.62 -19.24 8.46
N GLU B 211 -22.31 -19.18 8.23
CA GLU B 211 -21.38 -18.63 9.21
C GLU B 211 -21.68 -17.11 9.40
N MET B 212 -22.02 -16.43 8.32
CA MET B 212 -22.42 -15.03 8.42
C MET B 212 -23.74 -14.81 9.19
N LEU B 213 -24.71 -15.71 9.04
CA LEU B 213 -25.98 -15.62 9.77
C LEU B 213 -25.81 -15.83 11.28
N LYS B 214 -24.66 -16.35 11.71
CA LYS B 214 -24.35 -16.51 13.14
C LYS B 214 -24.01 -15.16 13.72
N GLU B 215 -23.63 -14.20 12.86
CA GLU B 215 -23.28 -12.86 13.30
C GLU B 215 -24.52 -12.06 13.77
N GLU B 216 -24.43 -11.53 14.98
CA GLU B 216 -25.42 -10.57 15.47
C GLU B 216 -25.60 -9.35 14.56
N ALA B 217 -24.53 -8.85 13.94
CA ALA B 217 -24.67 -7.73 13.00
C ALA B 217 -25.50 -8.09 11.75
N VAL B 218 -25.40 -9.33 11.31
CA VAL B 218 -26.14 -9.78 10.15
C VAL B 218 -27.60 -9.96 10.54
N GLN B 219 -27.86 -10.49 11.74
CA GLN B 219 -29.20 -10.60 12.26
C GLN B 219 -29.87 -9.23 12.38
N LYS B 220 -29.18 -8.22 12.93
CA LYS B 220 -29.75 -6.87 12.96
C LYS B 220 -30.01 -6.28 11.55
N ALA B 221 -29.21 -6.68 10.57
CA ALA B 221 -29.36 -6.18 9.21
C ALA B 221 -30.38 -7.01 8.41
N HIS B 222 -30.93 -8.05 9.03
CA HIS B 222 -31.73 -9.04 8.32
C HIS B 222 -32.96 -8.45 7.63
N TRP B 223 -33.25 -8.91 6.42
CA TRP B 223 -34.44 -8.38 5.68
C TRP B 223 -35.81 -8.62 6.38
N GLN B 224 -35.87 -9.65 7.22
CA GLN B 224 -37.09 -9.99 7.96
C GLN B 224 -37.17 -9.29 9.31
N LYS B 225 -36.16 -8.47 9.63
CA LYS B 225 -36.04 -7.89 10.96
C LYS B 225 -35.87 -6.38 10.93
N GLN B 226 -36.36 -5.73 9.88
CA GLN B 226 -36.32 -4.26 9.81
C GLN B 226 -37.67 -3.64 10.19
N GLU B 227 -37.68 -2.36 10.58
CA GLU B 227 -38.91 -1.58 10.82
C GLU B 227 -39.97 -1.70 9.70
N ASP B 228 -39.51 -1.70 8.44
CA ASP B 228 -40.46 -1.75 7.32
C ASP B 228 -40.73 -3.17 6.81
N THR B 229 -40.17 -4.18 7.47
CA THR B 229 -40.53 -5.56 7.16
C THR B 229 -42.05 -5.74 7.41
N PRO B 230 -42.82 -6.19 6.40
CA PRO B 230 -44.28 -6.41 6.65
C PRO B 230 -44.52 -7.57 7.61
N GLU B 231 -45.61 -7.49 8.38
CA GLU B 231 -45.90 -8.54 9.37
C GLU B 231 -45.87 -9.96 8.81
N ASP B 232 -46.46 -10.16 7.63
CA ASP B 232 -46.44 -11.45 6.94
C ASP B 232 -45.01 -12.01 6.77
N LEU B 233 -44.02 -11.12 6.74
CA LEU B 233 -42.68 -11.54 6.39
C LEU B 233 -41.74 -11.52 7.59
N ARG B 234 -42.22 -11.02 8.72
CA ARG B 234 -41.37 -10.85 9.89
C ARG B 234 -40.79 -12.14 10.45
N ALA B 235 -39.58 -12.03 10.96
CA ALA B 235 -38.97 -13.06 11.78
C ALA B 235 -38.25 -12.39 12.97
N THR C 6 13.42 5.68 -22.11
CA THR C 6 14.37 6.85 -22.13
C THR C 6 15.21 6.86 -20.84
N THR C 7 14.51 6.74 -19.72
CA THR C 7 15.12 6.74 -18.39
C THR C 7 14.71 5.45 -17.67
N PRO C 8 15.71 4.68 -17.17
CA PRO C 8 15.42 3.46 -16.41
C PRO C 8 14.71 3.75 -15.12
N ASN C 9 13.92 2.79 -14.65
CA ASN C 9 13.16 2.93 -13.42
C ASN C 9 14.06 3.18 -12.23
N PHE C 10 15.21 2.50 -12.20
CA PHE C 10 16.14 2.57 -11.08
C PHE C 10 17.56 2.63 -11.63
N GLU C 11 18.29 3.61 -11.11
CA GLU C 11 19.68 3.81 -11.43
C GLU C 11 20.43 3.85 -10.12
N LEU C 12 21.40 2.96 -9.96
CA LEU C 12 22.14 2.92 -8.73
C LEU C 12 23.53 3.51 -8.92
N TYR C 13 23.86 4.51 -8.17
CA TYR C 13 25.19 5.04 -8.11
C TYR C 13 25.88 4.40 -6.95
N GLY C 14 26.73 3.45 -7.23
CA GLY C 14 27.25 2.54 -6.23
C GLY C 14 28.75 2.36 -6.32
N TYR C 15 29.28 1.55 -5.41
CA TYR C 15 30.70 1.23 -5.43
C TYR C 15 30.84 -0.24 -5.04
N PHE C 16 31.68 -0.98 -5.76
CA PHE C 16 31.78 -2.44 -5.60
C PHE C 16 31.96 -2.83 -4.13
N ARG C 17 32.78 -2.03 -3.43
CA ARG C 17 33.18 -2.36 -2.07
C ARG C 17 32.43 -1.61 -0.96
N SER C 18 31.46 -0.79 -1.30
CA SER C 18 30.62 -0.17 -0.29
C SER C 18 29.57 -1.17 0.28
N SER C 19 29.53 -1.33 1.60
CA SER C 19 28.56 -2.25 2.22
C SER C 19 27.12 -1.84 1.99
N CYS C 20 26.86 -0.54 2.11
CA CYS C 20 25.55 -0.01 1.80
C CYS C 20 25.15 -0.23 0.36
N SER C 21 26.08 -0.13 -0.56
CA SER C 21 25.79 -0.37 -1.96
C SER C 21 25.46 -1.80 -2.19
N GLY C 22 26.21 -2.66 -1.53
CA GLY C 22 26.03 -4.06 -1.50
C GLY C 22 24.64 -4.49 -1.08
N ARG C 23 24.10 -3.86 -0.07
CA ARG C 23 22.72 -4.05 0.37
C ARG C 23 21.73 -3.91 -0.79
N LEU C 24 21.85 -2.84 -1.54
CA LEU C 24 20.99 -2.56 -2.64
C LEU C 24 21.15 -3.56 -3.77
N ARG C 25 22.37 -3.92 -4.09
CA ARG C 25 22.66 -4.91 -5.10
C ARG C 25 22.01 -6.21 -4.71
N ILE C 26 22.10 -6.61 -3.47
CA ILE C 26 21.57 -7.88 -3.08
C ILE C 26 20.04 -7.90 -3.27
N ALA C 27 19.40 -6.86 -2.77
CA ALA C 27 17.98 -6.73 -2.81
C ALA C 27 17.40 -6.66 -4.21
N PHE C 28 18.02 -5.90 -5.10
CA PHE C 28 17.64 -5.78 -6.47
C PHE C 28 17.74 -7.15 -7.13
N HIS C 29 18.83 -7.86 -6.96
CA HIS C 29 18.96 -9.20 -7.53
C HIS C 29 17.97 -10.22 -6.93
N LEU C 30 17.82 -10.25 -5.60
CA LEU C 30 16.82 -11.10 -4.95
C LEU C 30 15.36 -10.92 -5.44
N LYS C 31 14.98 -9.69 -5.79
CA LYS C 31 13.60 -9.34 -6.14
C LYS C 31 13.42 -9.26 -7.63
N SER C 32 14.49 -9.53 -8.37
CA SER C 32 14.47 -9.51 -9.82
C SER C 32 14.03 -8.18 -10.39
N ILE C 33 14.53 -7.10 -9.80
CA ILE C 33 14.17 -5.79 -10.27
C ILE C 33 15.32 -5.28 -11.12
N PRO C 34 15.09 -5.07 -12.43
CA PRO C 34 16.14 -4.51 -13.26
C PRO C 34 16.59 -3.12 -12.76
N TYR C 35 17.89 -2.87 -12.76
CA TYR C 35 18.37 -1.53 -12.46
C TYR C 35 19.56 -1.16 -13.34
N THR C 36 19.85 0.12 -13.45
CA THR C 36 21.03 0.53 -14.18
C THR C 36 22.12 0.91 -13.18
N ARG C 37 23.31 0.36 -13.35
CA ARG C 37 24.36 0.53 -12.36
C ARG C 37 25.41 1.50 -12.86
N HIS C 38 25.72 2.52 -12.04
CA HIS C 38 26.77 3.50 -12.39
C HIS C 38 27.79 3.57 -11.29
N PRO C 39 29.00 3.06 -11.55
CA PRO C 39 30.00 3.03 -10.47
C PRO C 39 30.60 4.40 -10.15
N VAL C 40 30.72 4.69 -8.86
CA VAL C 40 31.39 5.88 -8.39
C VAL C 40 32.61 5.41 -7.62
N ASN C 41 33.79 5.70 -8.15
CA ASN C 41 35.02 5.28 -7.51
C ASN C 41 35.35 6.15 -6.29
N LEU C 42 34.94 5.65 -5.11
CA LEU C 42 35.20 6.29 -3.80
C LEU C 42 36.67 6.38 -3.38
N LEU C 43 37.49 5.47 -3.91
CA LEU C 43 38.93 5.51 -3.60
C LEU C 43 39.63 6.63 -4.39
N LYS C 44 39.05 7.03 -5.51
CA LYS C 44 39.61 8.10 -6.33
C LYS C 44 38.83 9.41 -6.14
N GLY C 45 37.95 9.46 -5.13
CA GLY C 45 37.21 10.68 -4.80
C GLY C 45 36.25 11.16 -5.90
N GLU C 46 35.68 10.22 -6.63
CA GLU C 46 34.73 10.56 -7.69
C GLU C 46 33.42 11.14 -7.17
N GLN C 47 33.10 10.85 -5.90
CA GLN C 47 31.91 11.41 -5.28
C GLN C 47 32.00 12.96 -5.24
N HIS C 48 33.23 13.49 -5.15
CA HIS C 48 33.45 14.94 -5.08
C HIS C 48 33.59 15.62 -6.44
N SER C 49 33.50 14.85 -7.53
CA SER C 49 33.57 15.43 -8.87
C SER C 49 32.39 16.39 -9.16
N ASP C 50 32.65 17.37 -10.03
CA ASP C 50 31.62 18.28 -10.49
C ASP C 50 30.35 17.53 -10.94
N THR C 51 30.54 16.57 -11.85
CA THR C 51 29.46 15.72 -12.38
C THR C 51 28.61 15.10 -11.27
N TYR C 52 29.23 14.38 -10.36
CA TYR C 52 28.50 13.84 -9.24
C TYR C 52 27.96 14.91 -8.27
N LYS C 53 28.69 15.96 -8.02
CA LYS C 53 28.19 17.02 -7.14
C LYS C 53 26.79 17.53 -7.52
N SER C 54 26.61 17.92 -8.78
CA SER C 54 25.36 18.51 -9.25
C SER C 54 24.26 17.46 -9.47
N LEU C 55 24.68 16.22 -9.63
CA LEU C 55 23.74 15.09 -9.63
C LEU C 55 23.28 14.88 -8.19
N ASN C 56 24.26 14.89 -7.27
CA ASN C 56 24.08 14.94 -5.80
C ASN C 56 23.75 13.58 -5.17
N ASN C 59 27.05 14.27 -2.23
CA ASN C 59 28.28 13.45 -2.26
C ASN C 59 28.14 12.08 -1.58
N THR C 60 26.95 11.51 -1.56
CA THR C 60 26.69 10.18 -0.96
C THR C 60 26.67 9.06 -1.99
N VAL C 61 27.18 7.91 -1.61
CA VAL C 61 27.12 6.69 -2.40
C VAL C 61 26.86 5.66 -1.35
N PRO C 62 25.86 4.84 -1.54
CA PRO C 62 25.08 4.79 -2.76
C PRO C 62 23.99 5.84 -2.88
N LEU C 63 23.57 6.08 -4.09
CA LEU C 63 22.44 6.93 -4.36
C LEU C 63 21.56 6.12 -5.29
N LEU C 64 20.30 5.99 -4.95
CA LEU C 64 19.34 5.37 -5.82
C LEU C 64 18.43 6.45 -6.44
N VAL C 65 18.45 6.58 -7.78
CA VAL C 65 17.56 7.51 -8.46
C VAL C 65 16.42 6.68 -9.03
N VAL C 66 15.19 7.14 -8.76
CA VAL C 66 13.99 6.42 -9.11
C VAL C 66 13.29 7.32 -10.08
N SER C 67 12.92 6.78 -11.25
CA SER C 67 12.28 7.58 -12.27
C SER C 67 10.95 6.99 -12.71
N ASN C 68 10.27 7.75 -13.57
CA ASN C 68 9.01 7.32 -14.15
C ASN C 68 7.97 7.18 -13.06
N ILE C 69 7.99 8.06 -12.07
CA ILE C 69 7.08 7.96 -10.95
C ILE C 69 6.25 9.24 -10.79
N ASN C 70 5.20 9.16 -9.97
CA ASN C 70 4.47 10.35 -9.53
C ASN C 70 5.23 10.83 -8.28
N ASN C 71 5.89 11.97 -8.38
CA ASN C 71 6.64 12.55 -7.23
C ASN C 71 5.72 13.46 -6.43
N THR C 72 5.16 12.91 -5.36
CA THR C 72 4.22 13.61 -4.51
C THR C 72 4.97 14.62 -3.60
N VAL C 73 6.30 14.57 -3.55
CA VAL C 73 7.01 15.56 -2.73
C VAL C 73 7.41 16.77 -3.58
N SER C 74 8.04 16.50 -4.73
CA SER C 74 8.35 17.50 -5.77
C SER C 74 7.62 17.22 -7.10
N PRO C 75 6.36 17.66 -7.19
CA PRO C 75 5.48 17.36 -8.33
C PRO C 75 5.96 17.80 -9.72
N SER C 76 6.90 18.76 -9.80
CA SER C 76 7.44 19.21 -11.09
C SER C 76 8.47 18.23 -11.66
N SER C 77 8.77 17.19 -10.89
CA SER C 77 9.69 16.15 -11.31
C SER C 77 9.02 14.76 -11.38
N ALA C 78 9.54 13.89 -12.27
CA ALA C 78 9.05 12.51 -12.37
C ALA C 78 10.10 11.53 -11.82
N SER C 79 11.04 12.06 -11.04
CA SER C 79 12.07 11.27 -10.41
C SER C 79 12.35 11.78 -8.98
N PHE C 80 12.96 10.92 -8.17
CA PHE C 80 13.54 11.37 -6.91
C PHE C 80 14.75 10.49 -6.59
N SER C 81 15.57 10.94 -5.65
CA SER C 81 16.79 10.28 -5.27
CA SER C 81 16.72 10.18 -5.29
C SER C 81 16.67 9.85 -3.81
N ILE C 82 17.25 8.71 -3.47
CA ILE C 82 17.23 8.27 -2.11
C ILE C 82 18.67 7.97 -1.79
N GLY C 83 19.25 8.80 -0.90
CA GLY C 83 20.64 8.63 -0.48
C GLY C 83 20.84 7.85 0.82
N GLN C 84 19.80 7.19 1.34
CA GLN C 84 19.95 6.31 2.51
C GLN C 84 19.51 4.89 2.18
N SER C 85 20.38 3.92 2.40
CA SER C 85 20.10 2.55 1.91
C SER C 85 18.93 1.90 2.62
N LEU C 86 18.74 2.15 3.92
CA LEU C 86 17.56 1.61 4.64
C LEU C 86 16.22 2.14 4.11
N ALA C 87 16.14 3.45 3.94
CA ALA C 87 15.01 4.08 3.29
C ALA C 87 14.78 3.54 1.88
N ALA C 88 15.85 3.28 1.16
CA ALA C 88 15.73 2.72 -0.22
C ALA C 88 15.20 1.28 -0.20
N LEU C 89 15.66 0.49 0.76
CA LEU C 89 15.17 -0.90 0.92
C LEU C 89 13.67 -0.99 1.28
N GLU C 90 13.23 -0.14 2.21
CA GLU C 90 11.80 -0.07 2.53
C GLU C 90 11.03 0.46 1.32
N TYR C 91 11.62 1.38 0.56
CA TYR C 91 10.96 1.88 -0.62
C TYR C 91 10.62 0.75 -1.61
N LEU C 92 11.59 -0.13 -1.88
CA LEU C 92 11.37 -1.25 -2.76
C LEU C 92 10.27 -2.18 -2.24
N GLU C 93 10.17 -2.35 -0.93
CA GLU C 93 9.10 -3.17 -0.35
C GLU C 93 7.74 -2.53 -0.56
N GLU C 94 7.68 -1.20 -0.51
CA GLU C 94 6.40 -0.51 -0.52
C GLU C 94 5.96 -0.06 -1.89
N ALA C 95 6.91 0.25 -2.75
CA ALA C 95 6.62 0.68 -4.10
C ALA C 95 6.27 -0.50 -5.03
N LEU C 96 6.69 -1.71 -4.65
CA LEU C 96 6.41 -2.91 -5.45
C LEU C 96 5.73 -3.96 -4.58
N PRO C 97 4.52 -3.65 -4.10
CA PRO C 97 3.88 -4.48 -3.08
C PRO C 97 3.54 -5.91 -3.55
N THR C 98 3.49 -6.15 -4.87
CA THR C 98 3.22 -7.50 -5.37
C THR C 98 4.48 -8.29 -5.84
N ASN C 99 5.67 -7.75 -5.58
CA ASN C 99 6.90 -8.42 -5.98
C ASN C 99 6.93 -9.88 -5.48
N ALA C 100 7.48 -10.80 -6.27
CA ALA C 100 7.44 -12.24 -5.94
C ALA C 100 8.24 -12.56 -4.69
N ARG C 101 9.19 -11.70 -4.36
CA ARG C 101 9.96 -11.95 -3.16
C ARG C 101 9.88 -10.81 -2.17
N PRO C 102 8.84 -10.78 -1.32
CA PRO C 102 8.85 -9.80 -0.22
C PRO C 102 10.04 -10.03 0.72
N LEU C 103 10.72 -8.98 1.17
CA LEU C 103 11.88 -9.14 2.05
C LEU C 103 11.57 -8.81 3.52
N LEU C 104 10.29 -8.54 3.79
CA LEU C 104 9.84 -8.49 5.17
C LEU C 104 8.75 -9.53 5.40
N PRO C 105 8.61 -9.99 6.65
CA PRO C 105 7.42 -10.77 6.98
C PRO C 105 6.17 -9.96 6.62
N PRO C 106 5.03 -10.63 6.38
CA PRO C 106 3.82 -9.87 6.15
C PRO C 106 3.44 -9.00 7.36
N ILE C 107 2.69 -7.95 7.09
CA ILE C 107 2.18 -6.98 8.03
C ILE C 107 1.34 -7.55 9.16
N SER C 108 0.73 -8.71 8.96
CA SER C 108 0.02 -9.41 10.01
C SER C 108 0.96 -9.96 11.08
N ASN C 109 2.27 -9.92 10.82
CA ASN C 109 3.24 -10.36 11.79
C ASN C 109 4.20 -9.19 12.13
N PRO C 110 3.69 -8.18 12.86
CA PRO C 110 4.52 -7.01 13.21
C PRO C 110 5.73 -7.34 14.10
N VAL C 111 5.63 -8.42 14.89
CA VAL C 111 6.72 -8.80 15.79
C VAL C 111 7.94 -9.25 15.01
N ALA C 112 7.74 -10.15 14.06
CA ALA C 112 8.83 -10.64 13.23
C ALA C 112 9.44 -9.52 12.37
N ARG C 113 8.58 -8.63 11.87
CA ARG C 113 9.05 -7.46 11.15
C ARG C 113 9.96 -6.60 12.01
N ALA C 114 9.56 -6.40 13.27
CA ALA C 114 10.32 -5.57 14.22
C ALA C 114 11.69 -6.17 14.53
N HIS C 115 11.71 -7.50 14.65
CA HIS C 115 12.94 -8.25 14.81
C HIS C 115 13.90 -8.18 13.59
N VAL C 116 13.37 -8.33 12.37
CA VAL C 116 14.14 -8.06 11.18
C VAL C 116 14.75 -6.65 11.26
N ARG C 117 13.91 -5.63 11.48
CA ARG C 117 14.39 -4.25 11.53
C ARG C 117 15.46 -4.02 12.62
N THR C 118 15.36 -4.71 13.74
CA THR C 118 16.35 -4.54 14.82
C THR C 118 17.74 -5.00 14.36
N ILE C 119 17.80 -6.16 13.70
CA ILE C 119 19.04 -6.64 13.16
C ILE C 119 19.57 -5.67 12.11
N CYS C 120 18.71 -5.20 11.20
CA CYS C 120 19.14 -4.19 10.20
C CYS C 120 19.73 -2.94 10.89
N ASN C 121 19.08 -2.49 11.97
CA ASN C 121 19.45 -1.26 12.67
C ASN C 121 20.79 -1.39 13.37
N ILE C 122 21.02 -2.55 13.97
CA ILE C 122 22.30 -2.80 14.61
C ILE C 122 23.42 -2.61 13.61
N ILE C 123 23.26 -3.19 12.42
CA ILE C 123 24.29 -3.06 11.41
C ILE C 123 24.31 -1.66 10.80
N ALA C 124 23.15 -1.12 10.43
CA ALA C 124 23.12 0.15 9.72
C ALA C 124 23.28 1.37 10.65
N CYS C 125 23.01 1.18 11.93
CA CYS C 125 23.14 2.26 12.90
C CYS C 125 24.37 2.09 13.78
N ASP C 126 24.60 0.90 14.33
CA ASP C 126 25.64 0.73 15.33
C ASP C 126 26.99 0.22 14.81
N VAL C 127 27.04 -0.28 13.59
CA VAL C 127 28.32 -0.77 13.04
C VAL C 127 28.82 0.06 11.87
N GLN C 128 28.02 0.10 10.80
CA GLN C 128 28.49 0.67 9.55
C GLN C 128 28.91 2.16 9.66
N PRO C 129 28.09 3.01 10.31
CA PRO C 129 28.49 4.42 10.31
C PRO C 129 29.67 4.78 11.21
N VAL C 130 30.01 3.91 12.17
CA VAL C 130 31.19 4.12 13.01
C VAL C 130 32.46 3.43 12.49
N THR C 131 32.36 2.72 11.39
CA THR C 131 33.53 1.98 10.84
C THR C 131 33.74 2.26 9.36
N ASN C 132 33.02 3.24 8.82
CA ASN C 132 33.15 3.59 7.41
C ASN C 132 34.45 4.41 7.20
N LEU C 133 34.71 4.78 5.96
CA LEU C 133 35.96 5.41 5.60
C LEU C 133 36.08 6.81 6.23
N LYS C 134 34.98 7.55 6.23
CA LYS C 134 34.99 8.88 6.84
C LYS C 134 35.41 8.85 8.31
N ILE C 135 34.88 7.89 9.06
CA ILE C 135 35.18 7.88 10.49
C ILE C 135 36.58 7.31 10.71
N GLN C 136 36.99 6.34 9.89
CA GLN C 136 38.34 5.78 10.00
C GLN C 136 39.41 6.85 9.80
N LYS C 137 39.19 7.70 8.80
CA LYS C 137 40.02 8.87 8.52
C LYS C 137 40.08 9.83 9.69
N LYS C 138 38.92 10.14 10.28
CA LYS C 138 38.88 10.93 11.51
C LYS C 138 39.74 10.31 12.66
N VAL C 139 39.61 9.00 12.86
CA VAL C 139 40.37 8.25 13.83
C VAL C 139 41.87 8.33 13.53
N LYS C 140 42.23 8.21 12.25
CA LYS C 140 43.65 8.23 11.88
C LYS C 140 44.22 9.61 12.18
N ALA C 141 43.37 10.63 12.04
CA ALA C 141 43.76 12.01 12.27
C ALA C 141 44.01 12.29 13.76
N LEU C 142 43.42 11.48 14.64
CA LEU C 142 43.76 11.52 16.06
C LEU C 142 44.90 10.58 16.39
N ASP C 143 45.56 10.07 15.35
CA ASP C 143 46.59 9.06 15.52
C ASP C 143 46.08 7.83 16.29
N GLY C 144 44.81 7.50 16.10
CA GLY C 144 44.38 6.15 16.50
C GLY C 144 44.62 5.11 15.41
N ASP C 145 44.46 3.85 15.76
CA ASP C 145 44.50 2.78 14.80
C ASP C 145 43.07 2.49 14.31
N PRO C 146 42.76 2.89 13.08
CA PRO C 146 41.40 2.78 12.57
C PRO C 146 40.94 1.34 12.33
N THR C 147 41.88 0.46 12.02
CA THR C 147 41.58 -0.97 11.91
C THR C 147 41.13 -1.62 13.25
N VAL C 148 41.83 -1.30 14.35
CA VAL C 148 41.48 -1.83 15.67
C VAL C 148 40.15 -1.23 16.16
N TRP C 149 40.00 0.07 15.91
CA TRP C 149 38.77 0.80 16.22
C TRP C 149 37.61 0.11 15.54
N SER C 150 37.73 -0.06 14.22
CA SER C 150 36.65 -0.65 13.45
C SER C 150 36.40 -2.10 13.88
N ARG C 151 37.48 -2.88 14.07
CA ARG C 151 37.34 -4.29 14.44
C ARG C 151 36.62 -4.45 15.77
N ASP C 152 37.00 -3.62 16.76
CA ASP C 152 36.37 -3.61 18.06
C ASP C 152 34.87 -3.34 17.97
N LEU C 153 34.49 -2.33 17.18
CA LEU C 153 33.09 -1.96 17.05
C LEU C 153 32.24 -2.94 16.23
N ALA C 154 32.84 -3.55 15.22
CA ALA C 154 32.13 -4.57 14.43
C ALA C 154 31.87 -5.81 15.31
N THR C 155 32.88 -6.18 16.09
CA THR C 155 32.82 -7.33 17.00
C THR C 155 31.71 -7.12 18.01
N GLN C 156 31.65 -5.93 18.60
CA GLN C 156 30.53 -5.60 19.50
C GLN C 156 29.18 -5.71 18.84
N GLY C 157 29.05 -5.13 17.63
CA GLY C 157 27.82 -5.18 16.87
C GLY C 157 27.39 -6.58 16.50
N PHE C 158 28.31 -7.40 16.05
CA PHE C 158 27.98 -8.79 15.73
C PHE C 158 27.59 -9.59 16.94
N GLY C 159 28.16 -9.25 18.09
CA GLY C 159 27.76 -9.85 19.36
C GLY C 159 26.27 -9.61 19.56
N ALA C 160 25.83 -8.38 19.28
CA ALA C 160 24.43 -8.05 19.54
C ALA C 160 23.52 -8.69 18.46
N VAL C 161 24.01 -8.83 17.23
CA VAL C 161 23.30 -9.55 16.17
C VAL C 161 23.16 -11.04 16.54
N GLU C 162 24.23 -11.64 17.04
CA GLU C 162 24.19 -13.05 17.44
C GLU C 162 23.16 -13.30 18.57
N LYS C 163 23.12 -12.44 19.57
CA LYS C 163 22.05 -12.55 20.60
C LYS C 163 20.63 -12.54 20.01
N LEU C 164 20.39 -11.71 19.00
CA LEU C 164 19.11 -11.71 18.30
C LEU C 164 18.87 -12.93 17.44
N LEU C 165 19.93 -13.44 16.79
CA LEU C 165 19.76 -14.59 15.92
C LEU C 165 19.50 -15.86 16.73
N GLU C 166 19.97 -15.89 17.97
CA GLU C 166 19.78 -17.03 18.85
C GLU C 166 18.29 -17.22 19.11
N LEU C 167 17.52 -16.16 18.93
CA LEU C 167 16.07 -16.23 19.12
C LEU C 167 15.32 -16.58 17.85
N SER C 168 15.74 -16.02 16.72
CA SER C 168 14.91 -16.08 15.50
C SER C 168 15.44 -16.98 14.40
N ALA C 169 16.72 -17.28 14.44
CA ALA C 169 17.32 -17.79 13.21
C ALA C 169 16.87 -19.20 12.94
N GLY C 170 16.62 -19.49 11.66
CA GLY C 170 16.29 -20.82 11.19
C GLY C 170 17.36 -21.10 10.17
N ARG C 171 16.97 -21.28 8.92
CA ARG C 171 17.91 -21.33 7.80
C ARG C 171 18.52 -19.93 7.58
N PHE C 172 17.71 -18.89 7.74
CA PHE C 172 18.17 -17.52 7.63
C PHE C 172 17.99 -16.75 8.96
N CYS C 173 18.17 -15.44 8.91
CA CYS C 173 18.24 -14.62 10.15
C CYS C 173 16.97 -14.71 10.98
N VAL C 174 15.83 -14.78 10.26
CA VAL C 174 14.51 -14.82 10.86
C VAL C 174 13.67 -15.87 10.15
N GLY C 175 13.60 -17.05 10.74
CA GLY C 175 12.97 -18.17 10.09
C GLY C 175 13.78 -18.69 8.90
N ASP C 176 13.02 -19.22 7.94
CA ASP C 176 13.56 -20.00 6.84
C ASP C 176 13.42 -19.25 5.52
N GLU C 177 13.06 -17.97 5.60
CA GLU C 177 12.96 -17.09 4.45
C GLU C 177 13.94 -15.92 4.55
N ILE C 178 14.52 -15.53 3.41
CA ILE C 178 15.42 -14.39 3.36
C ILE C 178 14.64 -13.10 3.60
N THR C 179 15.19 -12.25 4.45
CA THR C 179 14.62 -10.96 4.78
C THR C 179 15.67 -9.86 4.63
N LEU C 180 15.28 -8.62 4.90
CA LEU C 180 16.22 -7.51 4.92
C LEU C 180 17.32 -7.75 5.95
N ALA C 181 17.04 -8.51 7.01
CA ALA C 181 18.10 -8.79 7.98
C ALA C 181 19.31 -9.49 7.31
N ASP C 182 19.01 -10.50 6.50
CA ASP C 182 20.04 -11.22 5.72
C ASP C 182 20.72 -10.28 4.72
N VAL C 183 19.92 -9.44 4.07
CA VAL C 183 20.41 -8.45 3.12
C VAL C 183 21.45 -7.53 3.77
N CYS C 184 21.22 -7.12 5.03
CA CYS C 184 22.19 -6.23 5.70
C CYS C 184 23.38 -7.03 6.27
N LEU C 185 23.12 -8.28 6.63
CA LEU C 185 24.14 -9.10 7.28
C LEU C 185 25.32 -9.33 6.35
N VAL C 186 25.02 -9.74 5.13
CA VAL C 186 26.04 -10.14 4.19
C VAL C 186 27.12 -9.07 3.92
N PRO C 187 26.74 -7.82 3.55
CA PRO C 187 27.78 -6.84 3.32
C PRO C 187 28.51 -6.41 4.60
N ALA C 188 27.84 -6.52 5.74
CA ALA C 188 28.43 -6.24 7.02
C ALA C 188 29.55 -7.27 7.30
N VAL C 189 29.29 -8.54 6.99
CA VAL C 189 30.32 -9.59 7.14
C VAL C 189 31.51 -9.32 6.19
N TRP C 190 31.22 -8.96 4.94
CA TRP C 190 32.30 -8.63 4.02
C TRP C 190 33.13 -7.51 4.57
N ALA C 191 32.46 -6.47 5.08
CA ALA C 191 33.13 -5.29 5.64
C ALA C 191 33.94 -5.61 6.90
N ALA C 192 33.36 -6.45 7.78
CA ALA C 192 34.02 -6.84 9.02
C ALA C 192 35.27 -7.72 8.78
N GLU C 193 35.22 -8.57 7.75
CA GLU C 193 36.38 -9.40 7.41
C GLU C 193 37.56 -8.58 6.97
N ARG C 194 37.26 -7.46 6.34
CA ARG C 194 38.26 -6.52 5.86
C ARG C 194 39.10 -5.95 7.00
N VAL C 195 38.51 -5.76 8.18
CA VAL C 195 39.26 -5.25 9.34
C VAL C 195 39.67 -6.38 10.30
N GLY C 196 39.67 -7.61 9.79
CA GLY C 196 40.12 -8.79 10.55
C GLY C 196 39.19 -9.34 11.63
N MET C 197 37.88 -9.09 11.52
CA MET C 197 37.00 -9.66 12.52
C MET C 197 36.87 -11.15 12.28
N ASP C 198 36.93 -11.91 13.37
CA ASP C 198 36.81 -13.35 13.30
C ASP C 198 35.36 -13.82 13.30
N LEU C 199 34.88 -14.27 12.15
CA LEU C 199 33.50 -14.65 12.00
C LEU C 199 33.13 -15.86 12.87
N ALA C 200 34.11 -16.68 13.25
CA ALA C 200 33.81 -17.92 13.98
C ALA C 200 33.40 -17.73 15.45
N ARG C 201 33.60 -16.53 16.00
CA ARG C 201 33.09 -16.20 17.33
C ARG C 201 31.54 -16.11 17.32
N PHE C 202 30.97 -16.01 16.13
CA PHE C 202 29.52 -15.85 16.00
C PHE C 202 28.94 -16.95 15.10
N PRO C 203 28.74 -18.18 15.65
CA PRO C 203 28.42 -19.35 14.82
C PRO C 203 27.07 -19.27 14.05
N ILE C 204 26.05 -18.66 14.64
CA ILE C 204 24.79 -18.59 13.90
C ILE C 204 24.94 -17.59 12.73
N THR C 205 25.63 -16.50 12.99
CA THR C 205 25.90 -15.50 11.94
C THR C 205 26.66 -16.13 10.77
N LYS C 206 27.70 -16.90 11.06
CA LYS C 206 28.47 -17.57 10.01
C LYS C 206 27.57 -18.52 9.23
N ARG C 207 26.77 -19.30 9.94
CA ARG C 207 25.92 -20.29 9.30
C ARG C 207 24.99 -19.57 8.33
N VAL C 208 24.31 -18.54 8.83
CA VAL C 208 23.36 -17.78 8.03
C VAL C 208 24.08 -17.11 6.85
N PHE C 209 25.28 -16.58 7.08
CA PHE C 209 26.05 -15.91 6.04
C PHE C 209 26.40 -16.92 4.97
N GLU C 210 26.76 -18.13 5.39
CA GLU C 210 27.04 -19.21 4.47
C GLU C 210 25.84 -19.69 3.67
N GLU C 211 24.64 -19.74 4.26
CA GLU C 211 23.44 -20.05 3.46
C GLU C 211 23.22 -18.95 2.42
N MET C 212 23.42 -17.69 2.81
CA MET C 212 23.25 -16.59 1.86
C MET C 212 24.22 -16.71 0.67
N LEU C 213 25.41 -17.24 0.90
CA LEU C 213 26.40 -17.34 -0.18
C LEU C 213 26.00 -18.41 -1.20
N LYS C 214 25.02 -19.25 -0.86
CA LYS C 214 24.51 -20.27 -1.77
C LYS C 214 23.53 -19.67 -2.79
N GLU C 215 23.08 -18.45 -2.55
CA GLU C 215 22.15 -17.80 -3.44
C GLU C 215 22.85 -17.20 -4.66
N GLU C 216 22.37 -17.56 -5.84
CA GLU C 216 22.76 -16.89 -7.09
C GLU C 216 22.63 -15.36 -7.07
N ALA C 217 21.58 -14.84 -6.46
CA ALA C 217 21.40 -13.39 -6.37
C ALA C 217 22.52 -12.75 -5.58
N VAL C 218 22.92 -13.39 -4.47
CA VAL C 218 24.01 -12.87 -3.65
C VAL C 218 25.31 -12.96 -4.43
N GLN C 219 25.49 -14.04 -5.17
CA GLN C 219 26.69 -14.16 -5.99
C GLN C 219 26.77 -13.09 -7.08
N LYS C 220 25.63 -12.79 -7.71
CA LYS C 220 25.56 -11.70 -8.69
C LYS C 220 25.82 -10.32 -8.04
N ALA C 221 25.48 -10.18 -6.76
CA ALA C 221 25.68 -8.93 -6.01
C ALA C 221 27.05 -8.85 -5.34
N HIS C 222 27.85 -9.91 -5.49
CA HIS C 222 29.11 -10.02 -4.75
C HIS C 222 30.05 -8.83 -5.04
N TRP C 223 30.72 -8.34 -3.99
CA TRP C 223 31.69 -7.24 -4.15
C TRP C 223 32.88 -7.58 -5.06
N GLN C 224 33.22 -8.84 -5.17
CA GLN C 224 34.37 -9.25 -5.99
C GLN C 224 33.96 -9.55 -7.43
N LYS C 225 32.66 -9.40 -7.71
CA LYS C 225 32.10 -9.79 -9.00
C LYS C 225 31.39 -8.67 -9.72
N GLN C 226 31.73 -7.43 -9.39
CA GLN C 226 31.11 -6.26 -10.02
C GLN C 226 32.00 -5.71 -11.16
N GLU C 227 31.41 -4.89 -12.04
CA GLU C 227 32.17 -4.32 -13.19
C GLU C 227 33.27 -3.38 -12.75
N ASP C 228 33.13 -2.78 -11.56
CA ASP C 228 34.11 -1.85 -11.03
C ASP C 228 35.07 -2.52 -10.04
N THR C 229 34.88 -3.82 -9.81
CA THR C 229 35.87 -4.57 -9.02
C THR C 229 37.21 -4.55 -9.77
N PRO C 230 38.29 -4.07 -9.11
CA PRO C 230 39.61 -4.11 -9.77
C PRO C 230 40.05 -5.57 -10.01
N GLU C 231 40.79 -5.79 -11.10
CA GLU C 231 41.22 -7.14 -11.54
C GLU C 231 41.82 -7.98 -10.42
N ASP C 232 42.78 -7.38 -9.71
CA ASP C 232 43.47 -7.98 -8.56
CA ASP C 232 43.46 -8.07 -8.60
C ASP C 232 42.50 -8.46 -7.46
N LEU C 233 41.27 -7.96 -7.49
CA LEU C 233 40.30 -8.27 -6.43
C LEU C 233 39.13 -9.22 -6.83
N ARG C 234 39.10 -9.65 -8.09
CA ARG C 234 37.98 -10.46 -8.61
C ARG C 234 37.97 -11.89 -8.08
N ALA C 235 36.80 -12.54 -8.13
CA ALA C 235 36.66 -13.98 -7.81
C ALA C 235 35.49 -14.66 -8.52
N MET D 5 -4.02 -7.34 15.33
CA MET D 5 -4.91 -8.36 15.95
C MET D 5 -5.13 -8.09 17.45
N THR D 6 -4.04 -7.89 18.21
CA THR D 6 -4.16 -7.59 19.64
C THR D 6 -3.60 -6.20 19.97
N THR D 7 -3.93 -5.69 21.17
CA THR D 7 -3.38 -4.43 21.71
C THR D 7 -2.21 -4.69 22.68
N PRO D 8 -0.98 -4.47 22.24
CA PRO D 8 0.16 -4.71 23.14
C PRO D 8 0.18 -3.77 24.35
N ASN D 9 0.81 -4.23 25.43
CA ASN D 9 1.23 -3.41 26.56
C ASN D 9 2.68 -3.06 26.36
N PHE D 10 3.01 -1.80 26.66
CA PHE D 10 4.35 -1.23 26.48
C PHE D 10 5.02 -0.87 27.83
N GLU D 11 6.31 -1.17 27.95
CA GLU D 11 7.14 -0.74 29.10
C GLU D 11 8.35 -0.14 28.42
N LEU D 12 8.73 1.06 28.84
CA LEU D 12 9.92 1.72 28.31
C LEU D 12 10.99 1.81 29.40
N TYR D 13 12.11 1.14 29.16
CA TYR D 13 13.32 1.37 29.95
C TYR D 13 14.06 2.51 29.29
N GLY D 14 14.15 3.65 29.98
CA GLY D 14 14.56 4.89 29.34
C GLY D 14 15.50 5.76 30.13
N TYR D 15 16.03 6.78 29.49
CA TYR D 15 16.84 7.76 30.22
C TYR D 15 16.47 9.15 29.73
N PHE D 16 16.32 10.11 30.64
CA PHE D 16 15.71 11.40 30.27
C PHE D 16 16.47 12.08 29.14
N ARG D 17 17.80 11.94 29.15
CA ARG D 17 18.65 12.69 28.21
C ARG D 17 19.07 11.90 26.99
N SER D 18 18.61 10.66 26.90
CA SER D 18 18.83 9.81 25.74
C SER D 18 18.01 10.31 24.55
N SER D 19 18.72 10.62 23.46
CA SER D 19 18.03 11.08 22.27
C SER D 19 17.14 9.96 21.70
N CYS D 20 17.58 8.73 21.82
CA CYS D 20 16.80 7.63 21.37
C CYS D 20 15.53 7.38 22.17
N SER D 21 15.62 7.56 23.47
CA SER D 21 14.53 7.44 24.37
C SER D 21 13.58 8.59 24.12
N GLY D 22 14.13 9.74 23.84
CA GLY D 22 13.37 10.86 23.42
C GLY D 22 12.49 10.62 22.22
N ARG D 23 12.99 9.92 21.22
CA ARG D 23 12.22 9.58 20.05
C ARG D 23 10.99 8.82 20.50
N LEU D 24 11.18 7.85 21.38
CA LEU D 24 10.09 7.06 21.78
C LEU D 24 9.06 7.76 22.63
N ARG D 25 9.50 8.66 23.50
CA ARG D 25 8.63 9.52 24.28
C ARG D 25 7.77 10.41 23.37
N ILE D 26 8.39 11.09 22.44
CA ILE D 26 7.65 11.91 21.53
C ILE D 26 6.56 11.11 20.81
N ALA D 27 6.89 9.95 20.30
CA ALA D 27 5.95 9.13 19.59
C ALA D 27 4.80 8.58 20.45
N PHE D 28 5.11 8.05 21.61
CA PHE D 28 4.13 7.52 22.50
C PHE D 28 3.10 8.61 22.86
N HIS D 29 3.54 9.80 23.13
CA HIS D 29 2.63 10.89 23.47
C HIS D 29 1.80 11.37 22.27
N LEU D 30 2.43 11.57 21.11
CA LEU D 30 1.70 11.97 19.88
C LEU D 30 0.60 10.98 19.49
N LYS D 31 0.88 9.70 19.65
CA LYS D 31 -0.11 8.69 19.33
C LYS D 31 -1.06 8.37 20.48
N SER D 32 -0.93 9.07 21.62
CA SER D 32 -1.75 8.82 22.83
C SER D 32 -1.72 7.34 23.24
N ILE D 33 -0.53 6.76 23.26
CA ILE D 33 -0.40 5.36 23.63
C ILE D 33 0.21 5.34 25.01
N PRO D 34 -0.44 4.65 25.97
CA PRO D 34 0.09 4.57 27.33
C PRO D 34 1.25 3.58 27.40
N TYR D 35 2.14 3.81 28.36
CA TYR D 35 3.28 2.93 28.61
C TYR D 35 3.75 3.10 30.06
N THR D 36 4.34 2.04 30.61
CA THR D 36 4.94 2.07 31.93
C THR D 36 6.40 2.48 31.72
N ARG D 37 6.82 3.53 32.41
CA ARG D 37 8.16 4.09 32.25
C ARG D 37 9.09 3.56 33.35
N HIS D 38 10.18 2.90 32.93
CA HIS D 38 11.19 2.42 33.88
C HIS D 38 12.50 3.17 33.63
N PRO D 39 12.78 4.19 34.45
CA PRO D 39 14.00 4.96 34.25
C PRO D 39 15.22 4.12 34.58
N VAL D 40 16.25 4.25 33.77
CA VAL D 40 17.49 3.51 33.96
C VAL D 40 18.59 4.55 33.98
N ASN D 41 19.29 4.69 35.10
CA ASN D 41 20.40 5.63 35.15
C ASN D 41 21.68 5.04 34.59
N LEU D 42 21.93 5.36 33.34
CA LEU D 42 23.14 5.02 32.61
C LEU D 42 24.42 5.52 33.27
N LEU D 43 24.34 6.62 34.01
CA LEU D 43 25.56 7.20 34.64
C LEU D 43 25.87 6.55 35.98
N LYS D 44 24.88 5.89 36.57
CA LYS D 44 25.16 5.07 37.74
C LYS D 44 25.22 3.60 37.31
N GLY D 45 25.28 3.37 35.99
CA GLY D 45 25.43 2.04 35.43
C GLY D 45 24.33 1.07 35.86
N GLU D 46 23.10 1.59 35.97
CA GLU D 46 21.92 0.79 36.31
C GLU D 46 21.63 -0.20 35.20
N ASN D 59 22.03 -4.60 27.81
CA ASN D 59 22.53 -3.36 28.42
C ASN D 59 22.13 -2.08 27.65
N THR D 60 21.11 -2.15 26.82
CA THR D 60 20.79 -1.00 26.02
C THR D 60 19.63 -0.19 26.45
N VAL D 61 19.79 1.12 26.38
CA VAL D 61 18.72 2.03 26.58
C VAL D 61 18.60 2.89 25.36
N PRO D 62 17.42 3.09 24.83
CA PRO D 62 16.19 2.54 25.38
C PRO D 62 15.94 1.09 25.07
N LEU D 63 15.06 0.49 25.84
CA LEU D 63 14.58 -0.84 25.55
C LEU D 63 13.07 -0.84 25.67
N LEU D 64 12.38 -1.23 24.59
CA LEU D 64 10.94 -1.31 24.60
C LEU D 64 10.52 -2.73 24.84
N VAL D 65 9.76 -2.95 25.91
CA VAL D 65 9.24 -4.29 26.20
C VAL D 65 7.75 -4.31 25.90
N VAL D 66 7.34 -5.29 25.09
CA VAL D 66 5.99 -5.45 24.59
C VAL D 66 5.38 -6.75 25.11
N SER D 67 4.18 -6.66 25.69
CA SER D 67 3.35 -7.81 26.10
C SER D 67 2.00 -7.82 25.41
N ASN D 68 1.16 -8.77 25.81
CA ASN D 68 -0.10 -9.10 25.12
C ASN D 68 0.07 -9.29 23.61
N ILE D 69 1.09 -10.05 23.21
CA ILE D 69 1.26 -10.31 21.80
C ILE D 69 1.51 -11.80 21.43
N ASN D 70 1.35 -12.10 20.15
CA ASN D 70 1.81 -13.35 19.57
C ASN D 70 3.31 -13.18 19.23
N ASN D 71 4.20 -13.65 20.11
CA ASN D 71 5.64 -13.69 19.81
C ASN D 71 5.95 -14.85 18.88
N THR D 72 5.92 -14.54 17.58
CA THR D 72 6.22 -15.49 16.54
C THR D 72 7.71 -15.82 16.46
N VAL D 73 8.53 -15.02 17.13
CA VAL D 73 9.98 -15.25 17.16
C VAL D 73 10.33 -16.28 18.23
N SER D 74 9.91 -16.01 19.46
CA SER D 74 10.09 -16.96 20.55
C SER D 74 8.70 -17.29 21.11
N PRO D 75 8.05 -18.33 20.55
CA PRO D 75 6.67 -18.68 20.87
C PRO D 75 6.44 -19.01 22.34
N SER D 76 7.48 -19.48 23.02
CA SER D 76 7.36 -19.86 24.42
C SER D 76 7.58 -18.63 25.33
N SER D 77 7.87 -17.48 24.72
CA SER D 77 8.01 -16.23 25.47
C SER D 77 6.72 -15.38 25.38
N ALA D 78 6.32 -14.83 26.52
CA ALA D 78 5.09 -14.04 26.61
C ALA D 78 5.34 -12.64 26.07
N SER D 79 6.53 -12.11 26.36
CA SER D 79 6.89 -10.77 25.96
C SER D 79 7.89 -10.74 24.80
N PHE D 80 8.17 -9.54 24.32
CA PHE D 80 9.07 -9.32 23.19
C PHE D 80 9.73 -8.00 23.51
N SER D 81 11.03 -7.90 23.28
CA SER D 81 11.76 -6.63 23.46
C SER D 81 12.43 -6.07 22.19
N ILE D 82 12.47 -4.75 22.07
CA ILE D 82 13.02 -4.08 20.89
C ILE D 82 14.04 -3.09 21.39
N GLY D 83 15.30 -3.25 21.00
CA GLY D 83 16.39 -2.40 21.50
C GLY D 83 16.94 -1.39 20.51
N GLN D 84 16.26 -1.23 19.38
CA GLN D 84 16.66 -0.25 18.40
C GLN D 84 15.47 0.67 18.16
N SER D 85 15.71 1.98 18.23
CA SER D 85 14.59 2.93 18.26
C SER D 85 13.88 3.07 16.92
N LEU D 86 14.56 2.89 15.80
CA LEU D 86 13.84 2.97 14.50
C LEU D 86 12.88 1.80 14.33
N ALA D 87 13.38 0.59 14.54
CA ALA D 87 12.57 -0.62 14.61
C ALA D 87 11.36 -0.42 15.54
N ALA D 88 11.62 0.17 16.71
CA ALA D 88 10.54 0.37 17.68
C ALA D 88 9.48 1.31 17.15
N LEU D 89 9.92 2.42 16.56
CA LEU D 89 8.97 3.37 15.99
C LEU D 89 8.13 2.71 14.90
N GLU D 90 8.75 1.89 14.05
CA GLU D 90 7.99 1.33 12.93
C GLU D 90 7.03 0.31 13.51
N TYR D 91 7.44 -0.32 14.61
CA TYR D 91 6.57 -1.22 15.30
C TYR D 91 5.33 -0.51 15.83
N LEU D 92 5.47 0.69 16.42
CA LEU D 92 4.28 1.42 16.89
C LEU D 92 3.31 1.67 15.75
N GLU D 93 3.86 2.02 14.60
CA GLU D 93 3.09 2.24 13.39
C GLU D 93 2.30 1.01 12.93
N GLU D 94 2.91 -0.16 13.03
CA GLU D 94 2.38 -1.35 12.37
C GLU D 94 1.58 -2.18 13.34
N ALA D 95 1.95 -2.16 14.62
CA ALA D 95 1.20 -2.92 15.61
C ALA D 95 -0.13 -2.25 15.94
N LEU D 96 -0.24 -0.95 15.66
CA LEU D 96 -1.50 -0.22 15.94
C LEU D 96 -2.06 0.48 14.68
N PRO D 97 -2.54 -0.29 13.68
CA PRO D 97 -3.03 0.33 12.44
C PRO D 97 -4.31 1.17 12.55
N THR D 98 -5.08 1.03 13.64
CA THR D 98 -6.25 1.88 13.82
C THR D 98 -5.96 3.11 14.70
N ASN D 99 -4.70 3.34 15.08
CA ASN D 99 -4.36 4.56 15.83
C ASN D 99 -4.72 5.81 15.01
N ALA D 100 -5.29 6.80 15.68
CA ALA D 100 -5.79 8.00 15.01
C ALA D 100 -4.67 8.89 14.44
N ARG D 101 -3.44 8.75 14.94
CA ARG D 101 -2.32 9.55 14.41
C ARG D 101 -1.17 8.73 13.83
N PRO D 102 -1.29 8.36 12.53
CA PRO D 102 -0.18 7.70 11.80
C PRO D 102 0.98 8.67 11.71
N LEU D 103 2.19 8.19 11.91
CA LEU D 103 3.32 9.08 11.89
C LEU D 103 4.10 8.90 10.57
N LEU D 104 3.49 8.19 9.65
CA LEU D 104 3.99 8.11 8.32
C LEU D 104 2.87 8.48 7.37
N PRO D 105 3.24 9.11 6.26
CA PRO D 105 2.26 9.21 5.18
C PRO D 105 1.70 7.83 4.84
N PRO D 106 0.47 7.78 4.33
CA PRO D 106 -0.16 6.49 4.10
C PRO D 106 0.60 5.63 3.07
N ILE D 107 0.34 4.34 3.13
CA ILE D 107 1.09 3.38 2.35
C ILE D 107 0.87 3.52 0.84
N SER D 108 -0.21 4.21 0.44
CA SER D 108 -0.41 4.60 -0.95
C SER D 108 0.53 5.74 -1.39
N ASN D 109 1.34 6.28 -0.46
CA ASN D 109 2.33 7.32 -0.82
C ASN D 109 3.76 6.89 -0.48
N PRO D 110 4.28 5.84 -1.11
CA PRO D 110 5.63 5.38 -0.77
C PRO D 110 6.74 6.41 -1.03
N VAL D 111 6.56 7.29 -2.02
CA VAL D 111 7.55 8.37 -2.23
C VAL D 111 7.72 9.29 -1.01
N ALA D 112 6.60 9.79 -0.48
CA ALA D 112 6.66 10.60 0.73
C ALA D 112 7.22 9.79 1.90
N ARG D 113 6.83 8.51 1.98
CA ARG D 113 7.35 7.67 3.06
C ARG D 113 8.86 7.50 2.97
N ALA D 114 9.38 7.41 1.75
CA ALA D 114 10.84 7.31 1.53
C ALA D 114 11.53 8.60 1.96
N HIS D 115 10.87 9.73 1.75
CA HIS D 115 11.47 11.01 2.10
C HIS D 115 11.53 11.16 3.62
N VAL D 116 10.46 10.80 4.33
CA VAL D 116 10.51 10.71 5.80
C VAL D 116 11.63 9.79 6.29
N ARG D 117 11.71 8.58 5.74
CA ARG D 117 12.69 7.60 6.23
C ARG D 117 14.10 8.09 5.98
N THR D 118 14.31 8.78 4.85
CA THR D 118 15.62 9.33 4.51
C THR D 118 16.10 10.30 5.59
N ILE D 119 15.20 11.20 6.02
CA ILE D 119 15.51 12.12 7.10
C ILE D 119 15.79 11.39 8.41
N CYS D 120 14.96 10.40 8.75
CA CYS D 120 15.20 9.60 9.96
C CYS D 120 16.57 8.93 9.92
N ASN D 121 16.89 8.35 8.75
CA ASN D 121 18.15 7.67 8.55
C ASN D 121 19.38 8.61 8.61
N ILE D 122 19.28 9.83 8.09
CA ILE D 122 20.40 10.76 8.28
C ILE D 122 20.68 10.97 9.78
N ILE D 123 19.63 11.24 10.55
CA ILE D 123 19.82 11.38 12.00
C ILE D 123 20.25 10.06 12.68
N ALA D 124 19.52 8.99 12.38
CA ALA D 124 19.68 7.76 13.13
C ALA D 124 20.89 6.94 12.72
N CYS D 125 21.41 7.15 11.51
CA CYS D 125 22.59 6.41 11.04
C CYS D 125 23.81 7.30 10.92
N ASP D 126 23.64 8.52 10.46
CA ASP D 126 24.79 9.39 10.23
C ASP D 126 25.17 10.39 11.35
N VAL D 127 24.27 10.62 12.31
CA VAL D 127 24.55 11.59 13.35
C VAL D 127 24.63 10.94 14.70
N GLN D 128 23.54 10.37 15.17
CA GLN D 128 23.47 9.84 16.51
C GLN D 128 24.55 8.76 16.81
N PRO D 129 24.84 7.84 15.86
CA PRO D 129 25.76 6.75 16.24
C PRO D 129 27.17 7.23 16.38
N VAL D 130 27.50 8.34 15.76
CA VAL D 130 28.88 8.80 15.80
C VAL D 130 29.07 9.96 16.78
N THR D 131 28.01 10.35 17.45
CA THR D 131 28.11 11.48 18.37
C THR D 131 27.54 11.07 19.73
N ASN D 132 27.31 9.77 19.96
CA ASN D 132 26.68 9.36 21.22
C ASN D 132 27.73 9.14 22.31
N LEU D 133 27.25 8.73 23.47
CA LEU D 133 28.09 8.57 24.65
C LEU D 133 29.22 7.62 24.38
N LYS D 134 28.91 6.49 23.75
CA LYS D 134 29.90 5.42 23.56
C LYS D 134 31.06 5.89 22.68
N ILE D 135 30.78 6.62 21.61
CA ILE D 135 31.82 7.01 20.68
C ILE D 135 32.60 8.21 21.23
N GLN D 136 31.90 9.10 21.93
CA GLN D 136 32.56 10.23 22.60
C GLN D 136 33.58 9.73 23.58
N LYS D 137 33.23 8.67 24.31
CA LYS D 137 34.20 8.03 25.18
C LYS D 137 35.40 7.46 24.40
N LYS D 138 35.14 6.81 23.29
CA LYS D 138 36.24 6.26 22.46
C LYS D 138 37.15 7.37 21.96
N VAL D 139 36.56 8.50 21.54
CA VAL D 139 37.32 9.66 21.11
C VAL D 139 38.17 10.22 22.26
N LYS D 140 37.60 10.26 23.47
CA LYS D 140 38.42 10.76 24.57
C LYS D 140 39.56 9.79 24.90
N ALA D 141 39.30 8.48 24.82
CA ALA D 141 40.36 7.49 25.04
C ALA D 141 41.52 7.69 24.06
N LEU D 142 41.24 8.23 22.88
CA LEU D 142 42.29 8.56 21.90
C LEU D 142 42.99 9.90 22.15
N ASP D 143 42.61 10.56 23.25
CA ASP D 143 43.03 11.93 23.61
C ASP D 143 42.51 12.97 22.65
N GLY D 144 41.35 12.71 22.06
CA GLY D 144 40.72 13.69 21.18
C GLY D 144 39.72 14.51 21.96
N ASP D 145 39.12 15.50 21.30
CA ASP D 145 38.10 16.32 21.94
C ASP D 145 36.75 15.84 21.41
N PRO D 146 35.96 15.19 22.28
CA PRO D 146 34.74 14.58 21.79
C PRO D 146 33.66 15.61 21.48
N THR D 147 33.76 16.79 22.09
CA THR D 147 32.80 17.84 21.81
C THR D 147 32.99 18.36 20.38
N VAL D 148 34.24 18.61 20.01
CA VAL D 148 34.61 19.07 18.68
C VAL D 148 34.26 18.04 17.61
N TRP D 149 34.59 16.78 17.85
CA TRP D 149 34.20 15.67 17.00
C TRP D 149 32.66 15.66 16.79
N SER D 150 31.92 15.73 17.90
CA SER D 150 30.47 15.58 17.81
C SER D 150 29.86 16.77 17.06
N ARG D 151 30.35 17.97 17.35
CA ARG D 151 29.78 19.16 16.74
C ARG D 151 30.03 19.14 15.22
N ASP D 152 31.25 18.83 14.81
CA ASP D 152 31.54 18.76 13.38
C ASP D 152 30.68 17.73 12.67
N LEU D 153 30.53 16.55 13.25
CA LEU D 153 29.71 15.53 12.62
C LEU D 153 28.23 15.88 12.63
N ALA D 154 27.75 16.47 13.74
CA ALA D 154 26.35 16.88 13.83
C ALA D 154 26.05 17.95 12.77
N THR D 155 26.98 18.88 12.60
CA THR D 155 26.83 19.98 11.65
C THR D 155 26.76 19.41 10.26
N GLN D 156 27.61 18.44 9.97
CA GLN D 156 27.57 17.80 8.69
C GLN D 156 26.19 17.15 8.43
N GLY D 157 25.71 16.37 9.41
CA GLY D 157 24.43 15.65 9.24
C GLY D 157 23.25 16.59 9.08
N PHE D 158 23.23 17.64 9.86
CA PHE D 158 22.18 18.64 9.77
C PHE D 158 22.17 19.38 8.44
N GLY D 159 23.36 19.56 7.85
CA GLY D 159 23.46 20.12 6.51
C GLY D 159 22.70 19.27 5.51
N ALA D 160 22.84 17.95 5.62
CA ALA D 160 22.15 17.06 4.73
C ALA D 160 20.63 17.04 5.00
N VAL D 161 20.23 17.10 6.29
CA VAL D 161 18.83 17.19 6.66
C VAL D 161 18.19 18.45 6.04
N GLU D 162 18.85 19.59 6.23
CA GLU D 162 18.32 20.87 5.72
C GLU D 162 18.05 20.82 4.20
N LYS D 163 18.98 20.25 3.43
CA LYS D 163 18.76 20.06 1.97
C LYS D 163 17.56 19.20 1.64
N LEU D 164 17.24 18.23 2.48
CA LEU D 164 16.05 17.43 2.28
C LEU D 164 14.79 18.20 2.67
N LEU D 165 14.87 19.00 3.72
CA LEU D 165 13.73 19.81 4.16
C LEU D 165 13.39 20.91 3.15
N GLU D 166 14.42 21.46 2.50
CA GLU D 166 14.26 22.37 1.38
C GLU D 166 13.25 21.83 0.34
N LEU D 167 13.25 20.51 0.16
CA LEU D 167 12.34 19.86 -0.79
C LEU D 167 10.95 19.61 -0.27
N SER D 168 10.83 19.33 1.02
CA SER D 168 9.64 18.64 1.51
C SER D 168 8.85 19.38 2.57
N ALA D 169 9.53 20.25 3.32
CA ALA D 169 8.93 20.86 4.50
C ALA D 169 7.82 21.81 4.14
N GLY D 170 6.75 21.73 4.92
CA GLY D 170 5.74 22.80 5.00
C GLY D 170 5.81 23.29 6.44
N ARG D 171 4.73 23.09 7.20
CA ARG D 171 4.71 23.36 8.65
C ARG D 171 5.71 22.48 9.41
N PHE D 172 5.83 21.23 8.95
CA PHE D 172 6.76 20.28 9.53
C PHE D 172 7.70 19.74 8.45
N CYS D 173 8.55 18.77 8.80
CA CYS D 173 9.56 18.20 7.90
C CYS D 173 9.07 17.79 6.49
N VAL D 174 7.97 17.04 6.44
CA VAL D 174 7.43 16.58 5.18
C VAL D 174 5.96 16.97 5.21
N GLY D 175 5.58 17.93 4.37
CA GLY D 175 4.20 18.40 4.34
C GLY D 175 3.80 19.17 5.58
N ASP D 176 2.53 19.11 5.92
CA ASP D 176 1.98 19.88 7.02
C ASP D 176 1.51 19.03 8.18
N GLU D 177 1.89 17.75 8.17
CA GLU D 177 1.61 16.87 9.30
C GLU D 177 2.89 16.41 9.93
N ILE D 178 2.84 16.16 11.24
CA ILE D 178 3.94 15.59 11.98
C ILE D 178 4.20 14.15 11.53
N THR D 179 5.47 13.81 11.30
CA THR D 179 5.84 12.45 10.89
C THR D 179 6.99 11.96 11.74
N LEU D 180 7.48 10.76 11.46
CA LEU D 180 8.64 10.22 12.14
C LEU D 180 9.89 11.08 11.95
N ALA D 181 9.96 11.80 10.85
CA ALA D 181 11.06 12.74 10.58
C ALA D 181 11.15 13.86 11.65
N ASP D 182 10.01 14.44 12.03
CA ASP D 182 9.99 15.40 13.15
C ASP D 182 10.30 14.71 14.47
N VAL D 183 9.80 13.50 14.64
CA VAL D 183 10.07 12.76 15.87
C VAL D 183 11.57 12.57 16.04
N CYS D 184 12.28 12.22 14.95
CA CYS D 184 13.72 12.03 15.04
C CYS D 184 14.46 13.38 15.14
N LEU D 185 13.93 14.42 14.47
CA LEU D 185 14.60 15.72 14.45
C LEU D 185 14.73 16.32 15.84
N VAL D 186 13.64 16.32 16.61
CA VAL D 186 13.61 17.02 17.88
C VAL D 186 14.67 16.56 18.90
N PRO D 187 14.82 15.23 19.16
CA PRO D 187 15.84 14.89 20.15
C PRO D 187 17.23 15.07 19.60
N ALA D 188 17.37 15.04 18.29
CA ALA D 188 18.69 15.27 17.69
C ALA D 188 19.09 16.72 17.80
N VAL D 189 18.11 17.64 17.74
CA VAL D 189 18.40 19.05 18.02
C VAL D 189 18.83 19.21 19.48
N TRP D 190 18.16 18.51 20.41
CA TRP D 190 18.55 18.61 21.83
C TRP D 190 19.96 18.10 22.01
N ALA D 191 20.32 17.07 21.24
CA ALA D 191 21.62 16.48 21.43
C ALA D 191 22.70 17.37 20.82
N ALA D 192 22.44 17.91 19.63
CA ALA D 192 23.39 18.80 18.96
C ALA D 192 23.65 20.12 19.70
N GLU D 193 22.62 20.70 20.32
CA GLU D 193 22.80 21.94 21.10
C GLU D 193 23.76 21.77 22.29
N ARG D 194 23.73 20.57 22.82
CA ARG D 194 24.58 20.18 23.93
C ARG D 194 26.08 20.25 23.57
N VAL D 195 26.41 20.07 22.29
CA VAL D 195 27.79 20.14 21.83
C VAL D 195 28.09 21.45 21.10
N GLY D 196 27.21 22.42 21.26
CA GLY D 196 27.42 23.79 20.75
C GLY D 196 27.10 24.00 19.28
N MET D 197 26.29 23.11 18.67
CA MET D 197 25.93 23.33 17.28
C MET D 197 24.98 24.56 17.09
N ASP D 198 25.31 25.40 16.12
CA ASP D 198 24.48 26.55 15.79
C ASP D 198 23.27 26.14 14.92
N LEU D 199 22.11 25.98 15.54
CA LEU D 199 20.87 25.68 14.83
C LEU D 199 20.45 26.74 13.81
N ALA D 200 20.92 27.97 13.98
CA ALA D 200 20.56 29.05 13.04
C ALA D 200 21.26 28.98 11.68
N ARG D 201 22.18 28.04 11.49
CA ARG D 201 22.69 27.78 10.15
C ARG D 201 21.68 26.97 9.32
N PHE D 202 20.63 26.48 9.96
CA PHE D 202 19.67 25.61 9.28
C PHE D 202 18.25 26.13 9.50
N PRO D 203 17.86 27.16 8.73
CA PRO D 203 16.62 27.89 9.08
C PRO D 203 15.36 27.02 9.03
N ILE D 204 15.23 26.16 8.01
CA ILE D 204 14.04 25.32 7.95
C ILE D 204 13.97 24.37 9.15
N THR D 205 15.10 23.75 9.44
CA THR D 205 15.23 22.86 10.57
C THR D 205 14.81 23.59 11.82
N LYS D 206 15.32 24.80 11.99
CA LYS D 206 15.02 25.59 13.18
C LYS D 206 13.52 25.91 13.27
N ARG D 207 12.95 26.28 12.14
CA ARG D 207 11.54 26.61 12.10
C ARG D 207 10.68 25.38 12.49
N VAL D 208 11.00 24.21 11.94
CA VAL D 208 10.23 22.99 12.23
C VAL D 208 10.39 22.51 13.69
N PHE D 209 11.62 22.56 14.19
CA PHE D 209 11.92 22.30 15.59
C PHE D 209 11.07 23.20 16.50
N GLU D 210 11.01 24.49 16.19
CA GLU D 210 10.18 25.41 16.97
C GLU D 210 8.68 25.10 16.85
N GLU D 211 8.20 24.70 15.67
CA GLU D 211 6.82 24.25 15.53
C GLU D 211 6.56 23.06 16.46
N MET D 212 7.46 22.09 16.44
CA MET D 212 7.33 20.90 17.29
C MET D 212 7.30 21.22 18.79
N LEU D 213 8.09 22.21 19.21
CA LEU D 213 8.10 22.62 20.63
C LEU D 213 6.76 23.18 21.12
N LYS D 214 5.86 23.52 20.18
CA LYS D 214 4.54 24.03 20.55
C LYS D 214 3.59 22.88 20.85
N GLU D 215 4.01 21.65 20.56
CA GLU D 215 3.16 20.49 20.79
C GLU D 215 3.18 20.08 22.27
N GLU D 216 1.99 19.92 22.83
CA GLU D 216 1.84 19.37 24.18
C GLU D 216 2.56 18.02 24.31
N ALA D 217 2.46 17.18 23.29
CA ALA D 217 3.07 15.86 23.34
C ALA D 217 4.61 15.94 23.37
N VAL D 218 5.17 16.90 22.64
CA VAL D 218 6.58 17.11 22.70
C VAL D 218 7.00 17.69 24.08
N GLN D 219 6.20 18.60 24.61
CA GLN D 219 6.45 19.16 25.93
C GLN D 219 6.37 18.09 27.00
N LYS D 220 5.41 17.17 26.92
CA LYS D 220 5.36 16.03 27.85
C LYS D 220 6.59 15.10 27.77
N ALA D 221 7.17 15.02 26.57
CA ALA D 221 8.28 14.12 26.29
C ALA D 221 9.62 14.84 26.41
N HIS D 222 9.56 16.10 26.81
CA HIS D 222 10.77 16.90 26.87
C HIS D 222 11.73 16.31 27.90
N TRP D 223 13.02 16.38 27.59
CA TRP D 223 14.06 15.84 28.45
C TRP D 223 14.15 16.53 29.83
N GLN D 224 13.68 17.79 29.88
CA GLN D 224 13.65 18.56 31.13
C GLN D 224 12.40 18.29 31.98
N LYS D 225 11.52 17.43 31.49
CA LYS D 225 10.21 17.23 32.11
C LYS D 225 9.90 15.77 32.44
N GLN D 226 10.95 14.96 32.60
CA GLN D 226 10.75 13.56 32.96
C GLN D 226 10.95 13.29 34.45
N GLU D 227 10.45 12.15 34.91
CA GLU D 227 10.51 11.77 36.33
C GLU D 227 11.94 11.66 36.80
N ASP D 228 12.84 11.25 35.90
CA ASP D 228 14.26 11.13 36.24
C ASP D 228 15.13 12.31 35.82
N THR D 229 14.51 13.43 35.42
CA THR D 229 15.29 14.63 35.16
C THR D 229 15.77 15.13 36.50
N PRO D 230 17.10 15.25 36.68
CA PRO D 230 17.56 15.78 37.97
C PRO D 230 16.94 17.15 38.18
N GLU D 231 16.74 17.47 39.46
CA GLU D 231 16.00 18.64 39.89
C GLU D 231 16.55 19.91 39.26
N ASP D 232 17.88 20.03 39.25
CA ASP D 232 18.53 21.23 38.76
C ASP D 232 18.45 21.44 37.23
N LEU D 233 18.12 20.39 36.48
CA LEU D 233 17.86 20.50 35.03
C LEU D 233 16.37 20.63 34.67
N ARG D 234 15.50 20.59 35.68
CA ARG D 234 14.05 20.69 35.44
C ARG D 234 13.61 22.07 34.94
N ALA D 235 12.62 22.04 34.04
CA ALA D 235 11.94 23.25 33.55
C ALA D 235 10.55 22.86 33.06
#